data_8W6O
#
_entry.id   8W6O
#
_cell.length_a   1.00
_cell.length_b   1.00
_cell.length_c   1.00
_cell.angle_alpha   90.00
_cell.angle_beta   90.00
_cell.angle_gamma   90.00
#
_symmetry.space_group_name_H-M   'P 1'
#
loop_
_entity.id
_entity.type
_entity.pdbx_description
1 polymer 'Solute carrier family 13 member 1'
2 non-polymer 'SODIUM ION'
3 non-polymer CHOLESTEROL
#
_entity_poly.entity_id   1
_entity_poly.type   'polypeptide(L)'
_entity_poly.pdbx_seq_one_letter_code
;MADYKDDDDKSGRMKFFSYILVYRRFLFVVFTVLVLLPLPIVLHTKEAECAYTLFVVATFWLTEALPLSVTALLPSLMLP
MFGIMPSKKVASAYFKDFHLLLIGVICLATSIEKWNLHKRIALKMVMMVGVNPAWLTLGFMSSTAFLSMWLSNTSTAAMV
MPIAEAVVQQIINAEAEVEATQMTYFNGSTNHGLEIDESVNGHEINERKEKTKPVPGYNNDTGKISSKVELEKNSGMRTK
YRTKKGHVTRKLTCLCIAYSSTIGGLTTITGTSTNLIFAEYFNTRYPDCRCLNFGSWFTFSFPAALIILLLSWIWLQWLF
LGFNFKEMFKCGKTKTVQQKACAEVIKQEYQKLGPIRYQEIVTLVLFIIMALLWFSRDPGFVPGWSALFSEYPGFATDST
VALLIGLLFFLIPAKTLTKTTPTGEIVAFDYSPLITWKEFQSFMPWDIAILVGGGFALADGCEESGLSKWIGNKLSPLGS
LPAWLIILISSLMVTSLTEVASNPATITLFLPILSPLAEAIHVNPLYILIPSTLCTSFAFLLPVANPPNAIVFSYGHLKV
IDMVKAGLGVNIVGVAVVMLGICTWIVPMFDLYTYPSWAPAMSNETMP
;
_entity_poly.pdbx_strand_id   A,B
#
loop_
_chem_comp.id
_chem_comp.type
_chem_comp.name
_chem_comp.formula
CLR non-polymer CHOLESTEROL 'C27 H46 O'
NA non-polymer 'SODIUM ION' 'Na 1'
#
# COMPACT_ATOMS: atom_id res chain seq x y z
N ARG A 24 32.12 9.30 -7.64
CA ARG A 24 31.24 10.42 -7.95
C ARG A 24 30.06 10.48 -6.97
N ARG A 25 29.30 11.56 -7.05
CA ARG A 25 28.13 11.79 -6.21
C ARG A 25 26.84 11.53 -6.97
N PHE A 26 26.68 12.19 -8.12
CA PHE A 26 25.56 11.97 -9.03
C PHE A 26 25.87 10.86 -10.01
N LEU A 27 26.26 9.68 -9.50
CA LEU A 27 26.70 8.60 -10.38
C LEU A 27 25.52 7.79 -10.91
N PHE A 28 24.47 7.58 -10.11
CA PHE A 28 23.36 6.76 -10.54
C PHE A 28 22.17 7.58 -11.01
N VAL A 29 22.39 8.84 -11.38
CA VAL A 29 21.52 9.54 -12.30
C VAL A 29 22.08 9.52 -13.72
N VAL A 30 23.40 9.62 -13.86
CA VAL A 30 24.03 9.47 -15.16
C VAL A 30 24.27 8.01 -15.51
N PHE A 31 24.13 7.08 -14.56
CA PHE A 31 24.03 5.69 -14.95
C PHE A 31 22.63 5.36 -15.44
N THR A 32 21.61 6.03 -14.90
CA THR A 32 20.26 5.81 -15.39
C THR A 32 20.06 6.42 -16.77
N VAL A 33 20.50 7.67 -16.97
CA VAL A 33 20.21 8.32 -18.24
C VAL A 33 21.17 7.93 -19.36
N LEU A 34 22.38 7.44 -19.06
CA LEU A 34 23.32 7.07 -20.12
C LEU A 34 23.41 5.56 -20.33
N VAL A 35 22.39 4.81 -19.91
CA VAL A 35 22.19 3.46 -20.45
C VAL A 35 20.94 3.38 -21.30
N LEU A 36 20.02 4.35 -21.19
CA LEU A 36 18.90 4.42 -22.10
C LEU A 36 19.30 4.97 -23.47
N LEU A 37 20.47 5.59 -23.57
CA LEU A 37 21.02 6.12 -24.82
C LEU A 37 21.77 5.12 -25.71
N PRO A 38 22.72 4.26 -25.22
CA PRO A 38 23.41 3.36 -26.17
C PRO A 38 22.63 2.11 -26.51
N LEU A 39 21.80 1.65 -25.57
CA LEU A 39 20.91 0.50 -25.72
C LEU A 39 19.91 0.52 -26.88
N PRO A 40 19.58 1.67 -27.56
CA PRO A 40 18.76 1.58 -28.78
C PRO A 40 19.30 0.74 -29.93
N ILE A 41 19.14 -0.57 -29.72
CA ILE A 41 18.91 -1.55 -30.79
C ILE A 41 17.47 -1.51 -31.26
N VAL A 42 16.64 -0.64 -30.67
CA VAL A 42 15.21 -0.51 -30.96
C VAL A 42 14.91 -0.08 -32.39
N LEU A 43 15.91 0.38 -33.14
CA LEU A 43 15.65 0.91 -34.48
C LEU A 43 15.53 -0.18 -35.54
N HIS A 44 14.80 -1.25 -35.23
CA HIS A 44 14.26 -2.23 -36.18
C HIS A 44 13.11 -2.97 -35.50
N THR A 45 12.88 -4.23 -35.91
CA THR A 45 11.75 -5.10 -35.61
C THR A 45 11.33 -5.23 -34.14
N LYS A 46 10.12 -5.75 -33.94
CA LYS A 46 9.44 -5.77 -32.64
C LYS A 46 10.17 -6.63 -31.61
N GLU A 47 10.87 -7.66 -32.07
CA GLU A 47 11.57 -8.56 -31.16
C GLU A 47 12.73 -7.86 -30.44
N ALA A 48 13.41 -6.95 -31.13
CA ALA A 48 14.44 -6.11 -30.53
C ALA A 48 13.86 -4.77 -30.05
N GLU A 49 12.72 -4.86 -29.36
CA GLU A 49 12.12 -3.74 -28.67
C GLU A 49 11.73 -4.20 -27.27
N CYS A 50 11.51 -5.51 -27.13
CA CYS A 50 11.31 -6.14 -25.84
C CYS A 50 12.62 -6.70 -25.28
N ALA A 51 13.67 -6.73 -26.10
CA ALA A 51 15.02 -7.03 -25.66
C ALA A 51 15.74 -5.74 -25.31
N TYR A 52 15.01 -4.64 -25.21
CA TYR A 52 15.57 -3.36 -24.80
C TYR A 52 14.97 -2.96 -23.46
N THR A 53 13.68 -3.20 -23.29
CA THR A 53 13.05 -2.99 -21.99
C THR A 53 13.42 -4.09 -21.01
N LEU A 54 13.90 -5.23 -21.51
CA LEU A 54 14.42 -6.27 -20.65
C LEU A 54 15.76 -5.85 -20.04
N PHE A 55 16.65 -5.31 -20.88
CA PHE A 55 18.00 -4.94 -20.44
C PHE A 55 17.97 -3.78 -19.45
N VAL A 56 17.10 -2.80 -19.69
CA VAL A 56 16.99 -1.62 -18.83
C VAL A 56 16.49 -2.02 -17.45
N VAL A 57 15.41 -2.81 -17.39
CA VAL A 57 14.82 -3.21 -16.13
C VAL A 57 15.74 -4.14 -15.37
N ALA A 58 16.40 -5.08 -16.07
CA ALA A 58 17.33 -5.99 -15.42
C ALA A 58 18.56 -5.26 -14.89
N THR A 59 19.06 -4.27 -15.63
CA THR A 59 20.22 -3.51 -15.18
C THR A 59 19.89 -2.64 -13.98
N PHE A 60 18.73 -1.99 -13.98
CA PHE A 60 18.35 -1.18 -12.85
C PHE A 60 17.95 -2.02 -11.64
N TRP A 61 17.56 -3.27 -11.84
CA TRP A 61 17.30 -4.15 -10.70
C TRP A 61 18.61 -4.67 -10.10
N LEU A 62 19.56 -5.06 -10.95
CA LEU A 62 20.83 -5.59 -10.45
C LEU A 62 21.69 -4.50 -9.83
N THR A 63 21.62 -3.28 -10.35
CA THR A 63 22.45 -2.18 -9.88
C THR A 63 21.81 -1.42 -8.71
N GLU A 64 20.47 -1.43 -8.63
CA GLU A 64 19.66 -0.62 -7.71
C GLU A 64 19.94 0.86 -7.89
N ALA A 65 19.86 1.31 -9.14
CA ALA A 65 19.88 2.74 -9.42
C ALA A 65 18.55 3.40 -9.13
N LEU A 66 17.46 2.64 -9.21
CA LEU A 66 16.11 3.05 -8.85
C LEU A 66 15.58 2.12 -7.78
N PRO A 67 14.73 2.60 -6.84
CA PRO A 67 14.39 1.84 -5.63
C PRO A 67 13.43 0.67 -5.81
N LEU A 68 13.73 -0.21 -6.77
CA LEU A 68 13.26 -1.61 -6.87
C LEU A 68 11.75 -1.75 -7.16
N SER A 69 11.01 -0.65 -7.11
CA SER A 69 9.59 -0.64 -7.47
C SER A 69 9.24 0.48 -8.40
N VAL A 70 10.07 1.53 -8.47
CA VAL A 70 10.03 2.45 -9.61
C VAL A 70 10.44 1.72 -10.88
N THR A 71 11.37 0.77 -10.75
CA THR A 71 11.76 -0.07 -11.89
C THR A 71 10.65 -1.05 -12.26
N ALA A 72 9.85 -1.47 -11.29
CA ALA A 72 8.79 -2.44 -11.57
C ALA A 72 7.65 -1.80 -12.37
N LEU A 73 7.48 -0.49 -12.28
CA LEU A 73 6.47 0.22 -13.04
C LEU A 73 6.92 0.59 -14.44
N LEU A 74 8.18 0.36 -14.77
CA LEU A 74 8.75 0.69 -16.08
C LEU A 74 8.27 -0.18 -17.25
N PRO A 75 8.01 -1.50 -17.11
CA PRO A 75 7.35 -2.20 -18.23
C PRO A 75 5.91 -1.79 -18.45
N SER A 76 5.24 -1.18 -17.46
CA SER A 76 3.91 -0.64 -17.69
C SER A 76 3.95 0.65 -18.50
N LEU A 77 5.12 1.29 -18.59
CA LEU A 77 5.31 2.51 -19.36
C LEU A 77 5.95 2.26 -20.72
N MET A 78 6.92 1.34 -20.80
CA MET A 78 7.71 1.17 -22.00
C MET A 78 7.15 0.13 -22.96
N LEU A 79 6.44 -0.88 -22.46
CA LEU A 79 5.85 -1.87 -23.36
C LEU A 79 4.65 -1.37 -24.18
N PRO A 80 3.72 -0.54 -23.66
CA PRO A 80 2.68 -0.02 -24.56
C PRO A 80 3.19 0.94 -25.62
N MET A 81 4.27 1.68 -25.37
CA MET A 81 4.74 2.64 -26.37
C MET A 81 5.45 1.97 -27.53
N PHE A 82 5.83 0.70 -27.41
CA PHE A 82 6.44 -0.05 -28.49
C PHE A 82 5.43 -0.80 -29.34
N GLY A 83 4.22 -0.98 -28.84
CA GLY A 83 3.22 -1.78 -29.51
C GLY A 83 2.96 -3.14 -28.91
N ILE A 84 3.31 -3.34 -27.64
CA ILE A 84 3.18 -4.63 -26.97
C ILE A 84 2.17 -4.46 -25.84
N MET A 85 0.98 -5.01 -26.01
CA MET A 85 -0.13 -4.86 -25.07
C MET A 85 -0.37 -6.16 -24.32
N PRO A 86 -0.93 -6.10 -23.10
CA PRO A 86 -1.30 -7.34 -22.40
C PRO A 86 -2.52 -8.03 -23.02
N LYS A 96 -6.69 -15.04 -3.19
CA LYS A 96 -6.06 -13.95 -2.47
C LYS A 96 -5.84 -14.32 -1.00
N ASP A 97 -5.68 -15.62 -0.75
CA ASP A 97 -5.48 -16.09 0.62
C ASP A 97 -4.12 -15.67 1.17
N PHE A 98 -3.11 -15.58 0.29
CA PHE A 98 -1.78 -15.18 0.74
C PHE A 98 -1.74 -13.73 1.18
N HIS A 99 -2.57 -12.86 0.57
CA HIS A 99 -2.66 -11.47 1.01
C HIS A 99 -3.27 -11.37 2.40
N LEU A 100 -4.28 -12.18 2.69
CA LEU A 100 -4.89 -12.18 4.01
C LEU A 100 -3.96 -12.75 5.08
N LEU A 101 -3.21 -13.80 4.73
CA LEU A 101 -2.21 -14.34 5.65
C LEU A 101 -1.10 -13.33 5.89
N LEU A 102 -0.71 -12.57 4.86
CA LEU A 102 0.30 -11.53 5.04
C LEU A 102 -0.21 -10.40 5.92
N ILE A 103 -1.49 -10.03 5.76
CA ILE A 103 -2.11 -9.01 6.61
C ILE A 103 -2.11 -9.45 8.08
N GLY A 104 -2.45 -10.72 8.33
CA GLY A 104 -2.45 -11.22 9.69
C GLY A 104 -1.07 -11.29 10.34
N VAL A 105 -0.08 -11.76 9.59
CA VAL A 105 1.26 -11.83 10.18
C VAL A 105 1.87 -10.44 10.34
N ILE A 106 1.51 -9.49 9.47
CA ILE A 106 2.06 -8.15 9.60
C ILE A 106 1.44 -7.42 10.79
N CYS A 107 0.15 -7.63 11.04
CA CYS A 107 -0.44 -6.99 12.20
C CYS A 107 -0.08 -7.70 13.52
N LEU A 108 0.37 -8.96 13.46
CA LEU A 108 0.98 -9.56 14.64
C LEU A 108 2.38 -9.01 14.89
N ALA A 109 3.19 -8.88 13.83
CA ALA A 109 4.56 -8.39 13.97
C ALA A 109 4.61 -6.92 14.37
N THR A 110 3.63 -6.13 13.94
CA THR A 110 3.55 -4.73 14.34
C THR A 110 3.36 -4.58 15.84
N SER A 111 2.50 -5.41 16.43
CA SER A 111 2.28 -5.36 17.87
C SER A 111 3.46 -5.95 18.63
N ILE A 112 4.14 -6.96 18.07
CA ILE A 112 5.32 -7.50 18.73
C ILE A 112 6.44 -6.48 18.77
N GLU A 113 6.67 -5.77 17.65
CA GLU A 113 7.74 -4.78 17.60
C GLU A 113 7.39 -3.51 18.38
N LYS A 114 6.12 -3.12 18.41
CA LYS A 114 5.75 -1.82 18.97
C LYS A 114 5.85 -1.80 20.49
N TRP A 115 5.39 -2.86 21.16
CA TRP A 115 5.37 -2.89 22.61
C TRP A 115 6.61 -3.52 23.21
N ASN A 116 7.65 -3.77 22.39
CA ASN A 116 8.98 -4.26 22.81
C ASN A 116 8.89 -5.61 23.51
N LEU A 117 8.26 -6.58 22.86
CA LEU A 117 8.27 -7.95 23.34
C LEU A 117 9.47 -8.72 22.83
N HIS A 118 10.05 -8.30 21.70
CA HIS A 118 11.21 -8.98 21.13
C HIS A 118 12.44 -8.83 22.00
N LYS A 119 12.56 -7.74 22.75
CA LYS A 119 13.67 -7.58 23.67
C LYS A 119 13.54 -8.52 24.85
N ARG A 120 12.32 -8.73 25.33
CA ARG A 120 12.08 -9.70 26.40
C ARG A 120 12.37 -11.12 25.94
N ILE A 121 11.95 -11.47 24.72
CA ILE A 121 12.20 -12.80 24.18
C ILE A 121 13.69 -13.03 23.97
N ALA A 122 14.40 -12.04 23.41
CA ALA A 122 15.83 -12.16 23.15
C ALA A 122 16.63 -12.23 24.45
N LEU A 123 16.32 -11.38 25.42
CA LEU A 123 17.04 -11.42 26.68
C LEU A 123 16.58 -12.55 27.60
N LYS A 124 15.49 -13.25 27.26
CA LYS A 124 15.12 -14.44 28.00
C LYS A 124 15.71 -15.72 27.42
N MET A 125 15.92 -15.77 26.09
CA MET A 125 16.57 -16.94 25.52
C MET A 125 18.05 -16.98 25.88
N VAL A 126 18.74 -15.84 25.74
CA VAL A 126 20.02 -15.65 26.43
C VAL A 126 19.75 -15.56 27.93
N MET A 127 20.77 -15.87 28.74
CA MET A 127 20.89 -16.00 30.20
C MET A 127 20.31 -17.33 30.71
N MET A 128 19.56 -18.07 29.90
CA MET A 128 19.35 -19.48 30.19
C MET A 128 20.54 -20.30 29.72
N VAL A 129 20.91 -20.18 28.44
CA VAL A 129 22.21 -20.60 27.95
C VAL A 129 23.10 -19.36 27.93
N GLY A 130 23.68 -19.04 29.09
CA GLY A 130 24.43 -17.80 29.16
C GLY A 130 25.70 -17.73 29.99
N VAL A 131 26.11 -18.80 30.64
CA VAL A 131 27.35 -18.78 31.41
C VAL A 131 28.27 -19.83 30.79
N ASN A 132 29.01 -19.39 29.75
CA ASN A 132 30.19 -19.93 29.09
C ASN A 132 30.48 -18.99 27.92
N PRO A 133 31.70 -18.98 27.34
CA PRO A 133 31.91 -18.20 26.11
C PRO A 133 31.13 -18.74 24.92
N ALA A 134 31.24 -20.04 24.64
CA ALA A 134 30.35 -20.73 23.72
C ALA A 134 29.29 -21.46 24.52
N TRP A 135 28.08 -21.54 23.95
CA TRP A 135 26.72 -21.51 24.50
C TRP A 135 26.23 -20.10 24.73
N LEU A 136 27.06 -19.08 24.55
CA LEU A 136 26.59 -17.70 24.49
C LEU A 136 26.49 -17.20 23.07
N THR A 137 27.32 -17.72 22.18
CA THR A 137 27.13 -17.51 20.74
C THR A 137 25.87 -18.20 20.27
N LEU A 138 25.60 -19.40 20.81
CA LEU A 138 24.39 -20.15 20.43
C LEU A 138 23.12 -19.48 20.93
N GLY A 139 23.17 -18.83 22.09
CA GLY A 139 21.99 -18.11 22.56
C GLY A 139 21.67 -16.90 21.71
N PHE A 140 22.71 -16.13 21.33
CA PHE A 140 22.51 -14.99 20.44
C PHE A 140 22.11 -15.44 19.04
N MET A 141 22.49 -16.64 18.63
CA MET A 141 22.06 -17.16 17.34
C MET A 141 20.60 -17.60 17.38
N SER A 142 20.23 -18.34 18.43
CA SER A 142 18.88 -18.89 18.53
C SER A 142 17.84 -17.82 18.78
N SER A 143 18.20 -16.75 19.51
CA SER A 143 17.28 -15.65 19.76
C SER A 143 16.85 -14.97 18.46
N THR A 144 17.81 -14.52 17.67
CA THR A 144 17.46 -13.85 16.42
C THR A 144 16.98 -14.82 15.34
N ALA A 145 17.35 -16.10 15.42
CA ALA A 145 16.79 -17.09 14.51
C ALA A 145 15.31 -17.33 14.77
N PHE A 146 14.92 -17.40 16.04
CA PHE A 146 13.50 -17.48 16.36
C PHE A 146 12.78 -16.18 16.05
N LEU A 147 13.43 -15.04 16.29
CA LEU A 147 12.75 -13.76 16.13
C LEU A 147 12.57 -13.36 14.68
N SER A 148 13.44 -13.83 13.79
CA SER A 148 13.32 -13.48 12.38
C SER A 148 12.42 -14.44 11.60
N MET A 149 11.81 -15.42 12.25
CA MET A 149 10.74 -16.17 11.59
C MET A 149 9.49 -15.31 11.44
N TRP A 150 9.31 -14.35 12.35
CA TRP A 150 8.12 -13.52 12.40
C TRP A 150 8.37 -12.08 12.02
N LEU A 151 9.49 -11.50 12.47
CA LEU A 151 9.86 -10.14 12.11
C LEU A 151 10.65 -10.18 10.81
N SER A 152 11.25 -9.06 10.44
CA SER A 152 12.15 -9.02 9.29
C SER A 152 13.59 -9.18 9.74
N ASN A 153 14.46 -9.57 8.80
CA ASN A 153 15.87 -9.79 9.14
C ASN A 153 16.57 -8.48 9.50
N THR A 154 16.20 -7.40 8.80
CA THR A 154 16.78 -6.09 9.07
C THR A 154 16.39 -5.56 10.45
N SER A 155 15.14 -5.81 10.86
CA SER A 155 14.66 -5.30 12.14
C SER A 155 15.24 -6.08 13.31
N THR A 156 15.42 -7.40 13.15
CA THR A 156 16.02 -8.19 14.22
C THR A 156 17.52 -7.95 14.30
N ALA A 157 18.19 -7.80 13.15
CA ALA A 157 19.64 -7.56 13.18
C ALA A 157 20.00 -6.19 13.73
N ALA A 158 19.09 -5.22 13.66
CA ALA A 158 19.30 -3.90 14.23
C ALA A 158 18.85 -3.79 15.68
N MET A 159 18.30 -4.85 16.25
CA MET A 159 17.84 -4.86 17.64
C MET A 159 18.73 -5.68 18.56
N VAL A 160 19.16 -6.87 18.13
CA VAL A 160 20.00 -7.71 18.97
C VAL A 160 21.45 -7.22 18.97
N MET A 161 21.86 -6.42 17.99
CA MET A 161 23.23 -5.93 17.92
C MET A 161 23.63 -4.96 19.05
N PRO A 162 22.81 -3.98 19.47
CA PRO A 162 23.21 -3.20 20.66
C PRO A 162 23.23 -4.01 21.95
N ILE A 163 22.28 -4.93 22.13
CA ILE A 163 22.25 -5.79 23.30
C ILE A 163 23.49 -6.68 23.35
N ALA A 164 23.86 -7.24 22.20
CA ALA A 164 25.01 -8.13 22.12
C ALA A 164 26.32 -7.36 22.30
N GLU A 165 26.38 -6.13 21.78
CA GLU A 165 27.55 -5.29 22.00
C GLU A 165 27.71 -4.92 23.47
N ALA A 166 26.59 -4.60 24.15
CA ALA A 166 26.65 -4.28 25.57
C ALA A 166 27.07 -5.49 26.40
N VAL A 167 26.57 -6.67 26.06
CA VAL A 167 26.91 -7.88 26.81
C VAL A 167 28.38 -8.26 26.59
N VAL A 168 28.86 -8.19 25.34
CA VAL A 168 30.25 -8.54 25.05
C VAL A 168 31.21 -7.51 25.64
N GLN A 169 30.79 -6.24 25.70
CA GLN A 169 31.62 -5.20 26.31
C GLN A 169 31.70 -5.38 27.83
N GLN A 170 30.55 -5.56 28.49
CA GLN A 170 30.54 -5.64 29.95
C GLN A 170 30.98 -7.00 30.48
N ILE A 171 31.06 -8.02 29.64
CA ILE A 171 31.66 -9.29 30.08
C ILE A 171 33.17 -9.21 30.02
N ILE A 172 33.71 -8.69 28.92
CA ILE A 172 35.16 -8.55 28.74
C ILE A 172 35.71 -7.47 29.67
N LYS A 245 42.09 -11.40 22.25
CA LYS A 245 40.95 -12.31 22.37
C LYS A 245 39.67 -11.49 22.56
N GLY A 246 39.84 -10.25 23.01
CA GLY A 246 38.70 -9.35 23.11
C GLY A 246 38.19 -8.82 21.80
N HIS A 247 39.03 -8.81 20.76
CA HIS A 247 38.66 -8.28 19.46
C HIS A 247 38.00 -9.30 18.56
N VAL A 248 38.34 -10.59 18.72
CA VAL A 248 37.76 -11.65 17.91
C VAL A 248 36.34 -12.00 18.37
N THR A 249 36.01 -11.72 19.63
CA THR A 249 34.67 -12.00 20.14
C THR A 249 33.64 -11.04 19.56
N ARG A 250 34.06 -9.80 19.28
CA ARG A 250 33.18 -8.81 18.67
C ARG A 250 32.78 -9.20 17.27
N LYS A 251 33.75 -9.61 16.45
CA LYS A 251 33.46 -9.99 15.07
C LYS A 251 32.75 -11.34 15.00
N LEU A 252 33.06 -12.27 15.92
CA LEU A 252 32.30 -13.51 16.01
C LEU A 252 30.83 -13.25 16.36
N THR A 253 30.58 -12.35 17.32
CA THR A 253 29.22 -12.01 17.72
C THR A 253 28.46 -11.31 16.59
N CYS A 254 29.13 -10.39 15.89
CA CYS A 254 28.53 -9.68 14.76
C CYS A 254 28.14 -10.65 13.66
N LEU A 255 29.05 -11.57 13.30
CA LEU A 255 28.77 -12.51 12.21
C LEU A 255 27.71 -13.53 12.61
N CYS A 256 27.68 -13.94 13.88
CA CYS A 256 26.67 -14.92 14.29
C CYS A 256 25.28 -14.30 14.29
N ILE A 257 25.16 -13.02 14.72
CA ILE A 257 23.89 -12.30 14.63
C ILE A 257 23.44 -12.16 13.18
N ALA A 258 24.33 -11.67 12.32
CA ALA A 258 23.96 -11.40 10.93
C ALA A 258 23.68 -12.66 10.14
N TYR A 259 24.30 -13.78 10.50
CA TYR A 259 24.05 -15.01 9.76
C TYR A 259 22.80 -15.71 10.27
N SER A 260 22.59 -15.74 11.58
CA SER A 260 21.42 -16.43 12.12
C SER A 260 20.13 -15.67 11.90
N SER A 261 20.17 -14.35 11.70
CA SER A 261 18.96 -13.65 11.29
C SER A 261 18.56 -14.03 9.87
N THR A 262 19.53 -14.31 9.01
CA THR A 262 19.24 -14.77 7.65
C THR A 262 18.75 -16.21 7.64
N ILE A 263 19.39 -17.08 8.44
CA ILE A 263 18.99 -18.49 8.51
C ILE A 263 17.59 -18.63 9.12
N GLY A 264 17.29 -17.84 10.16
CA GLY A 264 15.95 -17.82 10.72
C GLY A 264 14.92 -17.19 9.81
N GLY A 265 15.35 -16.38 8.84
CA GLY A 265 14.47 -15.78 7.85
C GLY A 265 13.82 -16.76 6.91
N LEU A 266 14.31 -18.00 6.84
CA LEU A 266 13.64 -19.13 6.22
C LEU A 266 12.58 -19.68 7.18
N THR A 267 12.09 -20.89 6.92
CA THR A 267 11.13 -21.68 7.69
C THR A 267 9.72 -21.10 7.69
N THR A 268 9.50 -19.94 7.10
CA THR A 268 8.19 -19.30 6.99
C THR A 268 8.12 -18.64 5.62
N ILE A 269 6.96 -18.77 4.98
CA ILE A 269 6.74 -18.03 3.73
C ILE A 269 6.67 -16.54 4.00
N THR A 270 6.16 -16.14 5.16
CA THR A 270 6.13 -14.75 5.59
C THR A 270 7.30 -14.41 6.50
N GLY A 271 8.53 -14.70 6.07
CA GLY A 271 9.68 -14.42 6.92
C GLY A 271 10.71 -13.56 6.24
N THR A 272 10.69 -13.58 4.91
CA THR A 272 11.56 -12.75 4.11
C THR A 272 10.85 -12.44 2.81
N SER A 273 11.30 -11.37 2.14
CA SER A 273 10.62 -10.90 0.94
C SER A 273 10.84 -11.83 -0.25
N THR A 274 11.98 -12.52 -0.29
CA THR A 274 12.21 -13.49 -1.36
C THR A 274 11.35 -14.74 -1.20
N ASN A 275 10.80 -14.99 -0.03
CA ASN A 275 9.81 -16.06 0.15
C ASN A 275 8.42 -15.59 -0.25
N LEU A 276 8.09 -14.32 0.08
CA LEU A 276 6.82 -13.73 -0.32
C LEU A 276 6.69 -13.64 -1.82
N ILE A 277 7.80 -13.31 -2.50
CA ILE A 277 7.79 -13.20 -3.96
C ILE A 277 7.57 -14.56 -4.61
N PHE A 278 8.20 -15.61 -4.05
CA PHE A 278 8.00 -16.96 -4.57
C PHE A 278 6.58 -17.44 -4.35
N ALA A 279 6.01 -17.17 -3.17
CA ALA A 279 4.65 -17.63 -2.89
C ALA A 279 3.62 -16.88 -3.72
N GLU A 280 3.84 -15.58 -3.97
CA GLU A 280 2.93 -14.83 -4.83
C GLU A 280 3.12 -15.20 -6.30
N TYR A 281 4.33 -15.56 -6.71
CA TYR A 281 4.54 -16.06 -8.06
C TYR A 281 3.93 -17.45 -8.24
N PHE A 282 3.85 -18.25 -7.18
CA PHE A 282 3.39 -19.62 -7.29
C PHE A 282 1.89 -19.78 -7.05
N ASN A 283 1.23 -18.85 -6.35
CA ASN A 283 -0.23 -18.94 -6.30
C ASN A 283 -0.87 -18.32 -7.55
N THR A 284 -0.15 -17.44 -8.25
CA THR A 284 -0.39 -17.19 -9.66
C THR A 284 0.36 -18.27 -10.44
N ARG A 285 0.05 -18.40 -11.75
CA ARG A 285 0.74 -19.27 -12.71
C ARG A 285 0.49 -20.77 -12.47
N TYR A 286 0.00 -21.13 -11.28
CA TYR A 286 -0.42 -22.50 -10.96
C TYR A 286 -1.54 -22.40 -9.95
N PRO A 287 -2.73 -21.96 -10.37
CA PRO A 287 -3.81 -21.71 -9.41
C PRO A 287 -4.58 -22.95 -9.01
N ASP A 288 -4.22 -24.12 -9.52
CA ASP A 288 -4.81 -25.39 -9.11
C ASP A 288 -3.94 -26.15 -8.13
N CYS A 289 -2.84 -25.56 -7.69
CA CYS A 289 -1.96 -26.18 -6.71
C CYS A 289 -2.40 -25.77 -5.30
N ARG A 290 -2.67 -26.76 -4.45
CA ARG A 290 -3.13 -26.53 -3.10
C ARG A 290 -2.28 -27.31 -2.11
N CYS A 291 -0.99 -27.44 -2.40
CA CYS A 291 -0.06 -28.15 -1.53
C CYS A 291 0.99 -27.25 -0.90
N LEU A 292 0.94 -25.94 -1.15
CA LEU A 292 1.93 -25.01 -0.64
C LEU A 292 1.23 -23.97 0.23
N ASN A 293 1.49 -24.01 1.53
CA ASN A 293 0.91 -23.08 2.48
C ASN A 293 1.91 -22.87 3.62
N PHE A 294 1.42 -22.36 4.75
CA PHE A 294 2.29 -22.00 5.87
C PHE A 294 2.93 -23.22 6.51
N GLY A 295 2.11 -24.19 6.90
CA GLY A 295 2.63 -25.35 7.63
C GLY A 295 3.44 -26.29 6.77
N SER A 296 3.08 -26.44 5.50
CA SER A 296 3.86 -27.30 4.61
C SER A 296 5.21 -26.68 4.26
N TRP A 297 5.29 -25.34 4.29
CA TRP A 297 6.59 -24.69 4.13
C TRP A 297 7.44 -24.89 5.38
N PHE A 298 6.83 -24.70 6.57
CA PHE A 298 7.57 -24.85 7.82
C PHE A 298 8.07 -26.28 8.02
N THR A 299 7.27 -27.27 7.60
CA THR A 299 7.61 -28.68 7.84
C THR A 299 8.81 -29.13 7.03
N PHE A 300 8.99 -28.60 5.82
CA PHE A 300 10.17 -28.97 5.05
C PHE A 300 11.34 -28.03 5.28
N SER A 301 11.10 -26.80 5.73
CA SER A 301 12.20 -25.85 5.83
C SER A 301 12.82 -25.77 7.22
N PHE A 302 12.11 -26.17 8.28
CA PHE A 302 12.68 -26.20 9.61
C PHE A 302 13.79 -27.24 9.84
N PRO A 303 13.69 -28.51 9.36
CA PRO A 303 14.84 -29.42 9.55
C PRO A 303 16.09 -29.00 8.80
N ALA A 304 15.96 -28.27 7.70
CA ALA A 304 17.14 -27.78 7.00
C ALA A 304 17.80 -26.65 7.78
N ALA A 305 17.01 -25.69 8.24
CA ALA A 305 17.55 -24.51 8.91
C ALA A 305 18.11 -24.84 10.28
N LEU A 306 17.59 -25.87 10.95
CA LEU A 306 18.16 -26.27 12.23
C LEU A 306 19.57 -26.84 12.07
N ILE A 307 19.77 -27.68 11.05
CA ILE A 307 21.09 -28.25 10.76
C ILE A 307 22.05 -27.16 10.30
N ILE A 308 21.58 -26.22 9.48
CA ILE A 308 22.42 -25.12 9.00
C ILE A 308 22.83 -24.22 10.16
N LEU A 309 21.92 -23.97 11.11
CA LEU A 309 22.23 -23.15 12.28
C LEU A 309 23.26 -23.81 13.18
N LEU A 310 23.09 -25.12 13.47
CA LEU A 310 24.04 -25.80 14.34
C LEU A 310 25.42 -25.94 13.70
N LEU A 311 25.47 -26.28 12.41
CA LEU A 311 26.76 -26.42 11.74
C LEU A 311 27.44 -25.07 11.56
N SER A 312 26.67 -23.99 11.38
CA SER A 312 27.27 -22.66 11.31
C SER A 312 27.80 -22.22 12.65
N TRP A 313 27.12 -22.60 13.74
CA TRP A 313 27.63 -22.30 15.08
C TRP A 313 28.96 -23.00 15.33
N ILE A 314 29.05 -24.28 14.97
CA ILE A 314 30.31 -25.03 15.15
C ILE A 314 31.41 -24.45 14.26
N TRP A 315 31.06 -24.08 13.02
CA TRP A 315 32.04 -23.55 12.07
C TRP A 315 32.61 -22.21 12.52
N LEU A 316 31.74 -21.29 12.93
CA LEU A 316 32.22 -19.98 13.38
C LEU A 316 32.94 -20.07 14.72
N GLN A 317 32.50 -20.95 15.61
CA GLN A 317 33.17 -21.11 16.89
C GLN A 317 34.57 -21.70 16.73
N TRP A 318 34.75 -22.64 15.80
CA TRP A 318 36.10 -23.14 15.56
C TRP A 318 36.94 -22.14 14.79
N LEU A 319 36.34 -21.43 13.84
CA LEU A 319 37.08 -20.51 12.98
C LEU A 319 37.63 -19.34 13.78
N PHE A 320 36.83 -18.75 14.67
CA PHE A 320 37.30 -17.55 15.35
C PHE A 320 37.98 -17.84 16.68
N LEU A 321 37.36 -18.64 17.55
CA LEU A 321 37.85 -18.85 18.92
C LEU A 321 37.98 -20.34 19.21
N GLY A 322 39.13 -20.91 18.84
CA GLY A 322 39.42 -22.30 19.12
C GLY A 322 38.51 -23.32 18.45
N ALA A 343 26.15 -13.62 34.53
CA ALA A 343 25.23 -13.74 35.65
C ALA A 343 24.63 -12.39 36.01
N GLU A 344 25.39 -11.58 36.75
CA GLU A 344 24.95 -10.26 37.16
C GLU A 344 25.31 -9.19 36.13
N VAL A 345 25.76 -9.60 34.95
CA VAL A 345 26.02 -8.67 33.86
C VAL A 345 25.00 -8.77 32.74
N ILE A 346 24.29 -9.90 32.62
CA ILE A 346 23.17 -10.03 31.71
C ILE A 346 21.84 -9.68 32.41
N LYS A 347 21.77 -9.89 33.72
CA LYS A 347 20.52 -9.69 34.45
C LYS A 347 20.17 -8.21 34.60
N GLN A 348 21.18 -7.34 34.70
CA GLN A 348 20.91 -5.90 34.78
C GLN A 348 20.46 -5.31 33.46
N GLU A 349 20.63 -6.02 32.34
CA GLU A 349 20.04 -5.60 31.07
C GLU A 349 18.61 -6.05 30.92
N TYR A 350 18.22 -7.11 31.62
CA TYR A 350 16.84 -7.59 31.64
C TYR A 350 15.99 -6.87 32.67
N GLN A 351 16.58 -6.43 33.78
CA GLN A 351 15.88 -5.60 34.74
C GLN A 351 15.87 -4.12 34.35
N LYS A 352 16.50 -3.77 33.24
CA LYS A 352 16.53 -2.39 32.77
C LYS A 352 15.28 -2.00 32.01
N LEU A 353 14.61 -2.95 31.37
CA LEU A 353 13.36 -2.67 30.67
C LEU A 353 12.13 -2.96 31.52
N GLY A 354 12.30 -3.06 32.85
CA GLY A 354 11.21 -3.07 33.78
C GLY A 354 10.48 -4.40 33.88
N PRO A 355 9.35 -4.42 34.56
CA PRO A 355 8.51 -5.62 34.58
C PRO A 355 7.66 -5.69 33.31
N ILE A 356 6.98 -6.82 33.17
CA ILE A 356 6.15 -7.05 31.99
C ILE A 356 4.82 -6.31 32.16
N ARG A 357 4.32 -5.74 31.06
CA ARG A 357 3.11 -4.94 31.09
C ARG A 357 1.98 -5.67 30.36
N TYR A 358 0.78 -5.08 30.42
CA TYR A 358 -0.43 -5.72 29.92
C TYR A 358 -0.42 -5.88 28.40
N GLN A 359 0.10 -4.89 27.69
CA GLN A 359 0.06 -4.84 26.23
C GLN A 359 0.93 -5.90 25.58
N GLU A 360 1.91 -6.44 26.29
CA GLU A 360 2.73 -7.52 25.74
C GLU A 360 2.38 -8.90 26.27
N ILE A 361 1.71 -9.01 27.43
CA ILE A 361 1.09 -10.27 27.81
C ILE A 361 -0.05 -10.62 26.85
N VAL A 362 -0.82 -9.61 26.44
CA VAL A 362 -1.91 -9.86 25.49
C VAL A 362 -1.35 -10.23 24.12
N THR A 363 -0.28 -9.55 23.69
CA THR A 363 0.38 -9.88 22.42
C THR A 363 1.02 -11.27 22.47
N LEU A 364 1.56 -11.66 23.64
CA LEU A 364 2.14 -12.97 23.80
C LEU A 364 1.09 -14.08 23.74
N VAL A 365 -0.05 -13.89 24.39
CA VAL A 365 -1.06 -14.95 24.38
C VAL A 365 -1.73 -15.05 23.01
N LEU A 366 -1.87 -13.93 22.30
CA LEU A 366 -2.40 -14.01 20.93
C LEU A 366 -1.39 -14.63 19.98
N PHE A 367 -0.09 -14.38 20.21
CA PHE A 367 0.98 -15.04 19.46
C PHE A 367 0.94 -16.55 19.65
N ILE A 368 0.81 -17.00 20.91
CA ILE A 368 0.78 -18.43 21.21
C ILE A 368 -0.46 -19.09 20.62
N ILE A 369 -1.61 -18.41 20.67
CA ILE A 369 -2.86 -18.95 20.13
C ILE A 369 -2.77 -19.09 18.60
N MET A 370 -2.28 -18.04 17.92
CA MET A 370 -2.14 -18.08 16.47
C MET A 370 -1.11 -19.13 16.03
N ALA A 371 -0.01 -19.26 16.78
CA ALA A 371 1.03 -20.20 16.42
C ALA A 371 0.58 -21.65 16.59
N LEU A 372 -0.10 -21.97 17.70
CA LEU A 372 -0.56 -23.34 17.83
C LEU A 372 -1.88 -23.59 17.12
N LEU A 373 -2.50 -22.57 16.51
CA LEU A 373 -3.59 -22.84 15.59
C LEU A 373 -3.13 -22.97 14.15
N TRP A 374 -1.95 -22.44 13.80
CA TRP A 374 -1.44 -22.59 12.45
C TRP A 374 -0.96 -24.00 12.17
N PHE A 375 -0.35 -24.65 13.16
CA PHE A 375 0.32 -25.92 12.98
C PHE A 375 -0.59 -27.13 13.21
N SER A 376 -1.89 -26.96 13.03
CA SER A 376 -2.84 -28.05 13.24
C SER A 376 -3.93 -28.04 12.17
N PHE A 395 -13.81 -23.69 5.52
CA PHE A 395 -13.43 -22.36 5.98
C PHE A 395 -12.17 -22.41 6.84
N ALA A 396 -11.81 -23.60 7.30
CA ALA A 396 -10.63 -23.78 8.14
C ALA A 396 -9.39 -23.68 7.26
N THR A 397 -8.82 -22.49 7.19
CA THR A 397 -7.62 -22.24 6.39
C THR A 397 -6.60 -21.50 7.25
N ASP A 398 -5.52 -21.05 6.60
CA ASP A 398 -4.53 -20.23 7.30
C ASP A 398 -4.91 -18.76 7.28
N SER A 399 -5.61 -18.32 6.22
CA SER A 399 -6.10 -16.95 6.18
C SER A 399 -7.21 -16.72 7.21
N THR A 400 -7.99 -17.76 7.52
CA THR A 400 -9.00 -17.65 8.57
C THR A 400 -8.36 -17.47 9.94
N VAL A 401 -7.27 -18.19 10.21
CA VAL A 401 -6.55 -18.04 11.47
C VAL A 401 -5.83 -16.69 11.51
N ALA A 402 -5.35 -16.22 10.36
CA ALA A 402 -4.63 -14.95 10.33
C ALA A 402 -5.57 -13.76 10.47
N LEU A 403 -6.83 -13.87 10.02
CA LEU A 403 -7.77 -12.77 10.12
C LEU A 403 -8.65 -12.84 11.37
N LEU A 404 -8.88 -14.04 11.91
CA LEU A 404 -9.74 -14.14 13.08
C LEU A 404 -9.01 -13.73 14.36
N ILE A 405 -7.69 -13.92 14.39
CA ILE A 405 -6.89 -13.56 15.57
C ILE A 405 -6.15 -12.25 15.28
N GLY A 406 -5.84 -12.02 14.00
CA GLY A 406 -5.07 -10.84 13.65
C GLY A 406 -5.85 -9.54 13.71
N LEU A 407 -7.14 -9.59 13.38
CA LEU A 407 -7.96 -8.39 13.43
C LEU A 407 -8.37 -8.02 14.85
N LEU A 408 -8.05 -8.84 15.86
CA LEU A 408 -8.28 -8.49 17.25
C LEU A 408 -7.28 -7.47 17.76
N PHE A 409 -6.20 -7.20 17.05
CA PHE A 409 -5.25 -6.19 17.49
C PHE A 409 -5.80 -4.78 17.31
N PHE A 410 -6.64 -4.57 16.29
CA PHE A 410 -7.31 -3.29 16.08
C PHE A 410 -8.46 -3.05 17.04
N LEU A 411 -8.94 -4.08 17.74
CA LEU A 411 -10.13 -3.99 18.57
C LEU A 411 -9.83 -3.96 20.06
N ILE A 412 -8.86 -4.75 20.52
CA ILE A 412 -8.64 -4.95 21.96
C ILE A 412 -8.09 -3.68 22.58
N PRO A 413 -8.69 -3.18 23.67
CA PRO A 413 -8.23 -1.93 24.28
C PRO A 413 -6.89 -2.05 24.99
N ALA A 414 -5.87 -1.37 24.49
CA ALA A 414 -4.65 -1.19 25.25
C ALA A 414 -4.91 -0.27 26.43
N LYS A 415 -4.05 -0.33 27.45
CA LYS A 415 -4.24 0.54 28.60
C LYS A 415 -3.58 1.91 28.39
N THR A 416 -3.89 2.54 27.26
CA THR A 416 -3.51 3.92 26.97
C THR A 416 -4.82 4.64 26.66
N LEU A 417 -5.43 5.20 27.70
CA LEU A 417 -6.69 5.92 27.54
C LEU A 417 -6.43 7.26 26.86
N THR A 418 -6.99 7.44 25.67
CA THR A 418 -6.84 8.69 24.95
C THR A 418 -7.80 9.73 25.51
N PHE A 429 -11.37 10.01 28.09
CA PHE A 429 -12.60 10.15 27.33
C PHE A 429 -12.68 9.13 26.19
N ASP A 430 -11.64 8.34 26.03
CA ASP A 430 -11.54 7.43 24.90
C ASP A 430 -10.63 6.27 25.29
N TYR A 431 -10.22 5.49 24.30
CA TYR A 431 -9.19 4.48 24.46
C TYR A 431 -8.48 4.32 23.12
N SER A 432 -7.36 3.60 23.16
CA SER A 432 -6.55 3.35 21.99
C SER A 432 -6.31 1.84 21.88
N PRO A 433 -6.31 1.29 20.66
CA PRO A 433 -6.12 -0.15 20.51
C PRO A 433 -4.66 -0.58 20.65
N LEU A 434 -4.40 -1.86 20.40
CA LEU A 434 -3.02 -2.36 20.46
C LEU A 434 -2.18 -1.78 19.32
N ILE A 435 -2.71 -1.80 18.10
CA ILE A 435 -2.08 -1.13 16.96
C ILE A 435 -3.14 -0.32 16.24
N THR A 436 -2.69 0.76 15.59
CA THR A 436 -3.54 1.59 14.76
C THR A 436 -3.31 1.24 13.29
N TRP A 437 -3.92 2.03 12.40
CA TRP A 437 -3.83 1.72 10.98
C TRP A 437 -2.60 2.33 10.32
N LYS A 438 -2.12 3.47 10.81
CA LYS A 438 -0.92 4.07 10.22
C LYS A 438 0.32 3.24 10.50
N GLU A 439 0.40 2.64 11.68
CA GLU A 439 1.51 1.75 12.01
C GLU A 439 1.49 0.49 11.15
N PHE A 440 0.30 -0.09 10.96
CA PHE A 440 0.14 -1.23 10.06
C PHE A 440 0.51 -0.86 8.62
N GLN A 441 0.13 0.34 8.18
CA GLN A 441 0.42 0.80 6.83
C GLN A 441 1.91 1.03 6.63
N SER A 442 2.61 1.43 7.69
CA SER A 442 4.06 1.56 7.62
C SER A 442 4.73 0.18 7.59
N PHE A 443 4.22 -0.78 8.38
CA PHE A 443 4.84 -2.10 8.45
C PHE A 443 4.53 -2.97 7.24
N MET A 444 3.44 -2.72 6.53
CA MET A 444 2.97 -3.63 5.49
C MET A 444 3.84 -3.49 4.24
N PRO A 445 4.31 -4.59 3.66
CA PRO A 445 5.01 -4.51 2.36
C PRO A 445 4.04 -4.28 1.22
N TRP A 446 4.03 -3.05 0.68
CA TRP A 446 3.15 -2.73 -0.44
C TRP A 446 3.83 -2.87 -1.78
N ASP A 447 5.16 -2.75 -1.83
CA ASP A 447 5.90 -2.77 -3.07
C ASP A 447 6.20 -4.18 -3.58
N ILE A 448 5.92 -5.22 -2.80
CA ILE A 448 6.15 -6.59 -3.24
C ILE A 448 5.15 -6.97 -4.32
N ALA A 449 3.91 -6.49 -4.20
CA ALA A 449 2.90 -6.73 -5.22
C ALA A 449 3.22 -5.98 -6.51
N ILE A 450 3.76 -4.77 -6.39
CA ILE A 450 4.20 -4.01 -7.56
C ILE A 450 5.39 -4.71 -8.23
N LEU A 451 6.29 -5.27 -7.42
CA LEU A 451 7.44 -5.99 -7.96
C LEU A 451 7.03 -7.24 -8.73
N VAL A 452 6.12 -8.04 -8.17
CA VAL A 452 5.70 -9.25 -8.87
C VAL A 452 4.79 -8.93 -10.05
N GLY A 453 4.04 -7.82 -9.99
CA GLY A 453 3.26 -7.40 -11.14
C GLY A 453 4.12 -6.91 -12.30
N GLY A 454 5.19 -6.17 -11.99
CA GLY A 454 6.13 -5.78 -13.02
C GLY A 454 6.88 -6.95 -13.61
N GLY A 455 7.22 -7.94 -12.77
CA GLY A 455 7.83 -9.16 -13.28
C GLY A 455 6.92 -9.95 -14.20
N PHE A 456 5.64 -10.07 -13.83
CA PHE A 456 4.68 -10.76 -14.70
C PHE A 456 4.44 -9.99 -16.00
N ALA A 457 4.41 -8.65 -15.93
CA ALA A 457 4.23 -7.85 -17.14
C ALA A 457 5.42 -8.00 -18.08
N LEU A 458 6.64 -7.98 -17.54
CA LEU A 458 7.83 -8.17 -18.37
C LEU A 458 7.92 -9.58 -18.91
N ALA A 459 7.43 -10.57 -18.16
CA ALA A 459 7.46 -11.95 -18.63
C ALA A 459 6.44 -12.18 -19.75
N ASP A 460 5.24 -11.60 -19.62
CA ASP A 460 4.24 -11.78 -20.66
C ASP A 460 4.56 -10.94 -21.89
N GLY A 461 5.25 -9.81 -21.71
CA GLY A 461 5.66 -9.00 -22.85
C GLY A 461 6.68 -9.67 -23.75
N CYS A 462 7.43 -10.64 -23.23
CA CYS A 462 8.40 -11.37 -24.06
C CYS A 462 7.73 -12.47 -24.86
N GLU A 463 6.41 -12.64 -24.71
CA GLU A 463 5.72 -13.73 -25.39
C GLU A 463 5.14 -13.28 -26.73
N GLU A 464 4.41 -12.16 -26.73
CA GLU A 464 3.83 -11.67 -27.99
C GLU A 464 4.89 -11.06 -28.89
N SER A 465 5.81 -10.29 -28.32
CA SER A 465 7.05 -9.93 -29.00
C SER A 465 7.87 -11.20 -29.11
N GLY A 466 8.10 -11.66 -30.34
CA GLY A 466 8.66 -13.00 -30.53
C GLY A 466 10.12 -13.18 -30.16
N LEU A 467 10.47 -12.86 -28.92
CA LEU A 467 11.83 -13.00 -28.42
C LEU A 467 12.02 -14.33 -27.71
N SER A 468 10.99 -14.79 -26.97
CA SER A 468 11.04 -16.07 -26.29
C SER A 468 11.14 -17.22 -27.28
N LYS A 469 10.49 -17.10 -28.44
CA LYS A 469 10.64 -18.10 -29.49
C LYS A 469 12.07 -18.14 -30.03
N TRP A 470 12.70 -16.96 -30.15
CA TRP A 470 14.07 -16.88 -30.65
C TRP A 470 15.06 -17.50 -29.67
N ILE A 471 14.95 -17.11 -28.39
CA ILE A 471 15.86 -17.68 -27.38
C ILE A 471 15.43 -19.05 -26.90
N GLY A 472 14.30 -19.57 -27.36
CA GLY A 472 13.94 -20.95 -27.10
C GLY A 472 14.43 -21.88 -28.18
N ASN A 473 14.36 -21.46 -29.44
CA ASN A 473 15.00 -22.21 -30.50
C ASN A 473 16.50 -21.97 -30.56
N LYS A 474 17.02 -20.99 -29.81
CA LYS A 474 18.46 -20.81 -29.70
C LYS A 474 19.08 -21.72 -28.65
N LEU A 475 18.30 -22.15 -27.67
CA LEU A 475 18.80 -22.93 -26.53
C LEU A 475 18.19 -24.32 -26.50
N SER A 476 18.02 -24.93 -27.68
CA SER A 476 17.46 -26.28 -27.75
C SER A 476 18.30 -27.40 -27.12
N PRO A 477 19.65 -27.41 -27.12
CA PRO A 477 20.36 -28.47 -26.37
C PRO A 477 20.33 -28.32 -24.85
N LEU A 478 19.65 -27.31 -24.30
CA LEU A 478 19.59 -27.16 -22.85
C LEU A 478 18.69 -28.20 -22.20
N GLY A 479 17.80 -28.84 -22.96
CA GLY A 479 16.87 -29.78 -22.38
C GLY A 479 17.29 -31.22 -22.50
N SER A 480 18.59 -31.46 -22.71
CA SER A 480 19.14 -32.80 -22.76
C SER A 480 20.04 -33.10 -21.58
N LEU A 481 19.87 -32.40 -20.49
CA LEU A 481 20.65 -32.55 -19.27
C LEU A 481 19.89 -33.38 -18.23
N PRO A 482 20.61 -34.06 -17.34
CA PRO A 482 19.96 -34.67 -16.17
C PRO A 482 19.27 -33.62 -15.31
N ALA A 483 18.13 -34.00 -14.73
CA ALA A 483 17.27 -33.04 -14.04
C ALA A 483 17.90 -32.51 -12.76
N TRP A 484 18.77 -33.31 -12.13
CA TRP A 484 19.47 -32.84 -10.93
C TRP A 484 20.62 -31.90 -11.28
N LEU A 485 21.17 -32.02 -12.49
CA LEU A 485 22.22 -31.10 -12.91
C LEU A 485 21.67 -29.71 -13.17
N ILE A 486 20.39 -29.61 -13.57
CA ILE A 486 19.73 -28.32 -13.67
C ILE A 486 19.61 -27.68 -12.29
N ILE A 487 19.30 -28.49 -11.26
CA ILE A 487 19.23 -28.00 -9.88
C ILE A 487 20.58 -27.49 -9.43
N LEU A 488 21.64 -28.25 -9.72
CA LEU A 488 22.99 -27.89 -9.29
C LEU A 488 23.46 -26.60 -9.95
N ILE A 489 23.41 -26.55 -11.29
CA ILE A 489 23.91 -25.37 -12.00
C ILE A 489 22.98 -24.17 -11.92
N SER A 490 21.73 -24.34 -11.47
CA SER A 490 20.90 -23.18 -11.22
C SER A 490 21.02 -22.67 -9.78
N SER A 491 21.19 -23.59 -8.82
CA SER A 491 21.33 -23.18 -7.43
C SER A 491 22.67 -22.51 -7.19
N LEU A 492 23.73 -22.98 -7.86
CA LEU A 492 25.02 -22.30 -7.77
C LEU A 492 24.97 -20.92 -8.39
N MET A 493 24.20 -20.74 -9.46
CA MET A 493 24.07 -19.44 -10.09
C MET A 493 23.28 -18.46 -9.22
N VAL A 494 22.17 -18.92 -8.65
CA VAL A 494 21.38 -18.03 -7.80
C VAL A 494 22.07 -17.76 -6.46
N THR A 495 22.99 -18.62 -6.01
CA THR A 495 23.72 -18.32 -4.80
C THR A 495 25.02 -17.58 -5.05
N SER A 496 25.49 -17.52 -6.30
CA SER A 496 26.64 -16.70 -6.64
C SER A 496 26.23 -15.27 -7.00
N LEU A 497 25.13 -15.11 -7.72
CA LEU A 497 24.70 -13.77 -8.11
C LEU A 497 24.17 -12.96 -6.94
N THR A 498 23.55 -13.63 -5.96
CA THR A 498 22.93 -12.94 -4.83
C THR A 498 23.96 -12.34 -3.87
N GLU A 499 25.25 -12.65 -4.02
CA GLU A 499 26.25 -12.04 -3.16
C GLU A 499 26.52 -10.59 -3.54
N VAL A 500 26.36 -10.24 -4.82
CA VAL A 500 26.59 -8.89 -5.30
C VAL A 500 25.30 -8.17 -5.67
N ALA A 501 24.18 -8.86 -5.67
CA ALA A 501 22.89 -8.27 -6.03
C ALA A 501 21.96 -8.32 -4.83
N SER A 502 20.70 -7.96 -5.07
CA SER A 502 19.69 -7.92 -4.04
C SER A 502 18.90 -9.23 -4.06
N ASN A 503 18.34 -9.59 -2.90
CA ASN A 503 17.62 -10.87 -2.78
C ASN A 503 16.26 -10.88 -3.49
N PRO A 504 15.42 -9.82 -3.45
CA PRO A 504 14.24 -9.85 -4.32
C PRO A 504 14.53 -9.76 -5.81
N ALA A 505 15.59 -9.05 -6.20
CA ALA A 505 15.88 -8.83 -7.62
C ALA A 505 16.29 -10.12 -8.32
N THR A 506 17.15 -10.91 -7.67
CA THR A 506 17.60 -12.19 -8.22
C THR A 506 16.44 -13.16 -8.40
N ILE A 507 15.56 -13.27 -7.41
CA ILE A 507 14.47 -14.24 -7.51
C ILE A 507 13.39 -13.76 -8.47
N THR A 508 13.18 -12.44 -8.59
CA THR A 508 12.22 -11.93 -9.56
C THR A 508 12.74 -12.06 -10.98
N LEU A 509 14.05 -11.98 -11.18
CA LEU A 509 14.60 -12.22 -12.51
C LEU A 509 14.60 -13.70 -12.87
N PHE A 510 14.84 -14.58 -11.90
CA PHE A 510 15.07 -15.99 -12.22
C PHE A 510 13.86 -16.90 -12.04
N LEU A 511 12.74 -16.41 -11.49
CA LEU A 511 11.58 -17.29 -11.48
C LEU A 511 10.94 -17.48 -12.87
N PRO A 512 10.73 -16.45 -13.71
CA PRO A 512 10.23 -16.73 -15.07
C PRO A 512 11.28 -17.28 -16.03
N ILE A 513 12.51 -17.53 -15.59
CA ILE A 513 13.46 -18.29 -16.39
C ILE A 513 13.33 -19.78 -16.09
N LEU A 514 13.23 -20.14 -14.81
CA LEU A 514 13.24 -21.53 -14.40
C LEU A 514 11.87 -22.18 -14.42
N SER A 515 10.79 -21.41 -14.29
CA SER A 515 9.48 -22.05 -14.33
C SER A 515 9.01 -22.54 -15.71
N PRO A 516 9.28 -21.88 -16.86
CA PRO A 516 8.97 -22.57 -18.13
C PRO A 516 9.92 -23.70 -18.47
N LEU A 517 11.17 -23.63 -18.00
CA LEU A 517 12.14 -24.69 -18.24
C LEU A 517 11.73 -26.00 -17.58
N ALA A 518 11.09 -25.93 -16.42
CA ALA A 518 10.62 -27.12 -15.73
C ALA A 518 9.50 -27.82 -16.49
N GLU A 519 8.54 -27.04 -17.01
CA GLU A 519 7.48 -27.61 -17.81
C GLU A 519 7.98 -28.09 -19.16
N ALA A 520 9.08 -27.50 -19.67
CA ALA A 520 9.61 -27.91 -20.97
C ALA A 520 10.29 -29.28 -20.88
N ILE A 521 11.18 -29.47 -19.89
CA ILE A 521 11.88 -30.74 -19.74
C ILE A 521 11.08 -31.78 -18.97
N HIS A 522 9.81 -31.48 -18.64
CA HIS A 522 8.83 -32.41 -18.08
C HIS A 522 9.24 -32.93 -16.70
N VAL A 523 9.57 -32.00 -15.80
CA VAL A 523 9.79 -32.30 -14.40
C VAL A 523 8.81 -31.47 -13.58
N ASN A 524 8.78 -31.74 -12.27
CA ASN A 524 7.92 -30.99 -11.37
C ASN A 524 8.43 -29.55 -11.25
N PRO A 525 7.57 -28.54 -11.35
CA PRO A 525 8.04 -27.16 -11.14
C PRO A 525 8.57 -26.88 -9.75
N LEU A 526 8.00 -27.48 -8.71
CA LEU A 526 8.48 -27.28 -7.35
C LEU A 526 9.87 -27.85 -7.15
N TYR A 527 10.20 -28.92 -7.87
CA TYR A 527 11.52 -29.54 -7.81
C TYR A 527 12.60 -28.57 -8.25
N ILE A 528 12.33 -27.73 -9.25
CA ILE A 528 13.30 -26.74 -9.69
C ILE A 528 13.22 -25.50 -8.82
N LEU A 529 12.02 -25.08 -8.42
CA LEU A 529 11.83 -23.76 -7.85
C LEU A 529 12.06 -23.70 -6.33
N ILE A 530 12.10 -24.83 -5.63
CA ILE A 530 12.39 -24.80 -4.19
C ILE A 530 13.88 -24.59 -3.87
N PRO A 531 14.85 -25.29 -4.48
CA PRO A 531 16.25 -24.99 -4.13
C PRO A 531 16.73 -23.65 -4.64
N SER A 532 16.12 -23.12 -5.70
CA SER A 532 16.51 -21.81 -6.19
C SER A 532 16.02 -20.69 -5.28
N THR A 533 14.84 -20.86 -4.66
CA THR A 533 14.40 -19.84 -3.71
C THR A 533 15.04 -20.02 -2.34
N LEU A 534 15.54 -21.23 -2.02
CA LEU A 534 16.28 -21.36 -0.78
C LEU A 534 17.71 -20.85 -0.92
N CYS A 535 18.33 -21.06 -2.08
CA CYS A 535 19.72 -20.65 -2.28
C CYS A 535 19.87 -19.16 -2.55
N THR A 536 18.80 -18.46 -2.89
CA THR A 536 18.88 -17.02 -3.10
C THR A 536 19.02 -16.27 -1.79
N SER A 537 18.54 -16.86 -0.69
CA SER A 537 18.68 -16.24 0.62
C SER A 537 20.10 -16.38 1.18
N PHE A 538 20.90 -17.29 0.64
CA PHE A 538 22.24 -17.58 1.17
C PHE A 538 23.21 -16.48 0.75
N ALA A 539 23.05 -15.32 1.38
CA ALA A 539 23.89 -14.15 1.14
C ALA A 539 24.73 -13.93 2.40
N PHE A 540 25.90 -14.57 2.44
CA PHE A 540 26.73 -14.60 3.63
C PHE A 540 28.09 -13.96 3.47
N LEU A 541 28.50 -13.68 2.23
CA LEU A 541 29.73 -12.96 1.94
C LEU A 541 29.49 -11.46 2.05
N LEU A 542 30.37 -10.66 1.41
CA LEU A 542 30.61 -9.21 1.49
C LEU A 542 29.34 -8.36 1.63
N PRO A 543 29.39 -7.24 2.44
CA PRO A 543 28.17 -6.58 2.92
C PRO A 543 27.49 -5.64 1.93
N VAL A 544 27.31 -6.12 0.69
CA VAL A 544 26.51 -5.42 -0.30
C VAL A 544 25.30 -6.22 -0.74
N ALA A 545 25.08 -7.40 -0.14
CA ALA A 545 24.05 -8.33 -0.57
C ALA A 545 22.72 -8.08 0.13
N ASN A 546 22.69 -8.18 1.45
CA ASN A 546 21.50 -7.90 2.23
C ASN A 546 21.83 -6.96 3.38
N PRO A 547 20.86 -6.17 3.84
CA PRO A 547 21.11 -5.24 4.96
C PRO A 547 21.32 -5.89 6.33
N PRO A 548 20.89 -7.16 6.60
CA PRO A 548 21.34 -7.80 7.86
C PRO A 548 22.83 -7.84 8.13
N ASN A 549 23.70 -8.07 7.14
CA ASN A 549 25.13 -8.03 7.43
C ASN A 549 25.77 -6.69 7.08
N ALA A 550 24.99 -5.76 6.54
CA ALA A 550 25.43 -4.37 6.43
C ALA A 550 25.13 -3.57 7.70
N ILE A 551 24.20 -4.03 8.53
CA ILE A 551 23.97 -3.42 9.82
C ILE A 551 25.12 -3.73 10.77
N VAL A 552 25.55 -4.99 10.81
CA VAL A 552 26.65 -5.38 11.69
C VAL A 552 28.01 -4.94 11.16
N PHE A 553 28.07 -4.49 9.90
CA PHE A 553 29.29 -3.98 9.32
C PHE A 553 29.51 -2.50 9.65
N SER A 554 28.43 -1.77 9.93
CA SER A 554 28.53 -0.34 10.23
C SER A 554 29.23 -0.07 11.55
N TYR A 555 29.31 -1.06 12.44
CA TYR A 555 30.11 -0.94 13.65
C TYR A 555 31.60 -1.07 13.31
N GLY A 556 32.44 -0.85 14.32
CA GLY A 556 33.85 -0.61 14.07
C GLY A 556 34.65 -1.81 13.61
N HIS A 557 34.26 -3.00 14.04
CA HIS A 557 35.05 -4.22 13.83
C HIS A 557 34.80 -4.78 12.44
N LEU A 558 35.20 -6.03 12.23
CA LEU A 558 34.75 -6.85 11.11
C LEU A 558 35.12 -6.34 9.72
N LYS A 559 36.38 -6.46 9.32
CA LYS A 559 36.77 -6.16 7.94
C LYS A 559 36.19 -7.21 6.98
N VAL A 560 36.41 -6.98 5.67
CA VAL A 560 35.67 -7.71 4.64
C VAL A 560 36.17 -9.14 4.47
N ILE A 561 37.47 -9.39 4.66
CA ILE A 561 38.02 -10.72 4.46
C ILE A 561 37.53 -11.69 5.53
N ASP A 562 37.21 -11.16 6.71
CA ASP A 562 36.60 -11.98 7.77
C ASP A 562 35.21 -12.44 7.38
N MET A 563 34.41 -11.53 6.82
CA MET A 563 33.08 -11.89 6.32
C MET A 563 33.16 -12.88 5.18
N VAL A 564 34.16 -12.74 4.30
CA VAL A 564 34.28 -13.65 3.15
C VAL A 564 34.66 -15.05 3.62
N LYS A 565 35.70 -15.16 4.47
CA LYS A 565 36.14 -16.45 4.98
C LYS A 565 35.09 -17.12 5.84
N ALA A 566 34.31 -16.34 6.58
CA ALA A 566 33.27 -16.93 7.41
C ALA A 566 32.05 -17.35 6.60
N GLY A 567 31.64 -16.53 5.62
CA GLY A 567 30.45 -16.83 4.86
C GLY A 567 30.64 -17.88 3.79
N LEU A 568 31.88 -18.16 3.41
CA LEU A 568 32.13 -19.21 2.41
C LEU A 568 31.74 -20.58 2.92
N GLY A 569 32.12 -20.90 4.16
CA GLY A 569 31.76 -22.19 4.74
C GLY A 569 30.27 -22.33 5.04
N VAL A 570 29.63 -21.22 5.43
CA VAL A 570 28.20 -21.23 5.69
C VAL A 570 27.43 -21.40 4.39
N ASN A 571 27.90 -20.78 3.30
CA ASN A 571 27.28 -20.98 1.99
C ASN A 571 27.45 -22.41 1.51
N ILE A 572 28.63 -22.99 1.75
CA ILE A 572 28.89 -24.38 1.35
C ILE A 572 27.97 -25.35 2.10
N VAL A 573 27.87 -25.19 3.42
CA VAL A 573 27.02 -26.11 4.18
C VAL A 573 25.54 -25.87 3.91
N GLY A 574 25.15 -24.63 3.55
CA GLY A 574 23.76 -24.38 3.20
C GLY A 574 23.36 -25.04 1.91
N VAL A 575 24.22 -24.93 0.88
CA VAL A 575 23.95 -25.60 -0.40
C VAL A 575 23.96 -27.12 -0.23
N ALA A 576 24.86 -27.63 0.62
CA ALA A 576 24.92 -29.08 0.84
C ALA A 576 23.69 -29.59 1.59
N VAL A 577 23.18 -28.83 2.55
CA VAL A 577 22.00 -29.26 3.30
C VAL A 577 20.74 -29.19 2.44
N VAL A 578 20.66 -28.17 1.57
CA VAL A 578 19.50 -28.08 0.66
C VAL A 578 19.53 -29.20 -0.37
N MET A 579 20.73 -29.55 -0.87
CA MET A 579 20.84 -30.65 -1.82
C MET A 579 20.55 -32.01 -1.17
N LEU A 580 20.91 -32.17 0.11
CA LEU A 580 20.53 -33.37 0.84
C LEU A 580 19.03 -33.42 1.06
N GLY A 581 18.42 -32.28 1.37
CA GLY A 581 17.00 -32.25 1.69
C GLY A 581 16.10 -32.54 0.51
N ILE A 582 16.41 -31.96 -0.65
CA ILE A 582 15.55 -32.13 -1.82
C ILE A 582 15.66 -33.51 -2.44
N CYS A 583 16.60 -34.32 -1.95
CA CYS A 583 16.67 -35.71 -2.36
C CYS A 583 16.35 -36.70 -1.24
N THR A 584 16.17 -36.24 0.01
CA THR A 584 15.86 -37.16 1.09
C THR A 584 14.46 -37.00 1.67
N TRP A 585 14.08 -35.81 2.17
CA TRP A 585 12.81 -35.70 2.88
C TRP A 585 11.77 -34.82 2.21
N ILE A 586 12.15 -33.98 1.24
CA ILE A 586 11.17 -33.16 0.55
C ILE A 586 10.54 -33.90 -0.63
N VAL A 587 11.09 -35.05 -1.01
CA VAL A 587 10.54 -35.84 -2.11
C VAL A 587 9.16 -36.43 -1.79
N PRO A 588 8.90 -37.13 -0.67
CA PRO A 588 7.53 -37.62 -0.47
C PRO A 588 6.57 -36.56 0.05
N MET A 589 7.08 -35.43 0.52
CA MET A 589 6.23 -34.38 1.06
C MET A 589 5.46 -33.65 -0.02
N PHE A 590 5.99 -33.62 -1.25
CA PHE A 590 5.35 -32.94 -2.36
C PHE A 590 5.22 -33.78 -3.61
N ASP A 591 5.73 -35.02 -3.60
CA ASP A 591 5.75 -35.94 -4.74
C ASP A 591 6.44 -35.32 -5.95
N LEU A 592 7.73 -35.03 -5.77
CA LEU A 592 8.49 -34.25 -6.74
C LEU A 592 8.93 -35.07 -7.95
N TYR A 593 8.91 -36.40 -7.87
CA TYR A 593 9.42 -37.23 -8.95
C TYR A 593 8.34 -37.57 -9.98
N THR A 594 7.14 -37.01 -9.86
CA THR A 594 6.07 -37.19 -10.82
C THR A 594 5.58 -35.83 -11.29
N TYR A 595 5.18 -35.76 -12.56
CA TYR A 595 4.70 -34.51 -13.12
C TYR A 595 3.30 -34.21 -12.58
N PRO A 596 3.06 -32.99 -12.09
CA PRO A 596 1.79 -32.71 -11.40
C PRO A 596 0.60 -32.52 -12.33
N SER A 597 -0.53 -32.16 -11.73
CA SER A 597 -1.75 -31.88 -12.47
C SER A 597 -2.09 -30.41 -12.53
N TRP A 598 -1.44 -29.57 -11.72
CA TRP A 598 -1.61 -28.13 -11.82
C TRP A 598 -0.74 -27.51 -12.91
N ALA A 599 0.10 -28.30 -13.57
CA ALA A 599 1.03 -27.95 -14.63
C ALA A 599 0.49 -28.37 -15.99
N PRO A 600 0.67 -27.54 -17.03
CA PRO A 600 0.21 -27.86 -18.39
C PRO A 600 0.98 -29.02 -19.02
N ARG B 24 -19.30 6.65 27.68
CA ARG B 24 -18.18 6.00 28.32
C ARG B 24 -16.92 6.12 27.47
N ARG B 25 -15.88 5.40 27.85
CA ARG B 25 -14.59 5.41 27.18
C ARG B 25 -14.44 4.22 26.25
N PHE B 26 -14.74 3.02 26.76
CA PHE B 26 -14.72 1.79 25.97
C PHE B 26 -16.06 1.60 25.27
N LEU B 27 -16.37 2.53 24.38
CA LEU B 27 -17.68 2.56 23.73
C LEU B 27 -17.75 1.59 22.57
N PHE B 28 -16.82 1.70 21.62
CA PHE B 28 -16.87 0.89 20.43
C PHE B 28 -16.05 -0.38 20.54
N VAL B 29 -15.81 -0.87 21.75
CA VAL B 29 -15.45 -2.28 21.92
C VAL B 29 -16.71 -3.03 22.33
N VAL B 30 -17.54 -2.43 23.18
CA VAL B 30 -18.77 -3.09 23.57
C VAL B 30 -19.85 -2.91 22.51
N PHE B 31 -19.81 -1.82 21.74
CA PHE B 31 -20.71 -1.70 20.60
C PHE B 31 -20.33 -2.67 19.49
N THR B 32 -19.04 -2.99 19.36
CA THR B 32 -18.64 -3.99 18.37
C THR B 32 -19.05 -5.38 18.82
N VAL B 33 -18.75 -5.75 20.08
CA VAL B 33 -19.06 -7.10 20.52
C VAL B 33 -20.49 -7.31 20.95
N LEU B 34 -21.31 -6.25 21.04
CA LEU B 34 -22.69 -6.38 21.49
C LEU B 34 -23.68 -6.19 20.36
N VAL B 35 -23.20 -6.08 19.12
CA VAL B 35 -24.07 -6.21 17.95
C VAL B 35 -23.87 -7.53 17.23
N LEU B 36 -22.77 -8.24 17.49
CA LEU B 36 -22.61 -9.59 16.97
C LEU B 36 -23.40 -10.62 17.74
N LEU B 37 -23.89 -10.28 18.93
CA LEU B 37 -24.70 -11.17 19.77
C LEU B 37 -26.21 -11.22 19.48
N PRO B 38 -26.96 -10.08 19.33
CA PRO B 38 -28.42 -10.23 19.13
C PRO B 38 -28.81 -10.49 17.69
N LEU B 39 -28.02 -9.96 16.76
CA LEU B 39 -28.14 -10.13 15.31
C LEU B 39 -28.16 -11.57 14.77
N PRO B 40 -27.74 -12.64 15.53
CA PRO B 40 -28.01 -14.00 15.03
C PRO B 40 -29.46 -14.38 14.79
N ILE B 41 -29.94 -13.87 13.65
CA ILE B 41 -30.95 -14.53 12.81
C ILE B 41 -30.34 -15.67 12.00
N VAL B 42 -29.03 -15.90 12.16
CA VAL B 42 -28.25 -16.91 11.44
C VAL B 42 -28.75 -18.33 11.65
N LEU B 43 -29.54 -18.59 12.69
CA LEU B 43 -29.91 -19.96 13.03
C LEU B 43 -31.05 -20.51 12.16
N HIS B 44 -30.96 -20.27 10.86
CA HIS B 44 -31.70 -20.95 9.79
C HIS B 44 -30.96 -20.72 8.48
N THR B 45 -31.70 -20.69 7.37
CA THR B 45 -31.25 -20.66 5.97
C THR B 45 -30.22 -19.59 5.59
N LYS B 46 -29.65 -19.76 4.38
CA LYS B 46 -28.40 -19.11 3.99
C LYS B 46 -28.54 -17.61 3.79
N GLU B 47 -29.68 -17.15 3.27
CA GLU B 47 -29.87 -15.73 3.00
C GLU B 47 -29.94 -14.92 4.28
N ALA B 48 -30.42 -15.51 5.37
CA ALA B 48 -30.33 -14.85 6.68
C ALA B 48 -28.89 -14.74 7.15
N GLU B 49 -28.06 -15.74 6.86
CA GLU B 49 -26.65 -15.67 7.20
C GLU B 49 -25.91 -14.62 6.39
N CYS B 50 -26.37 -14.35 5.16
CA CYS B 50 -25.82 -13.23 4.41
C CYS B 50 -26.35 -11.87 4.85
N ALA B 51 -27.62 -11.83 5.27
CA ALA B 51 -28.19 -10.61 5.85
C ALA B 51 -27.47 -10.20 7.14
N TYR B 52 -27.03 -11.18 7.94
CA TYR B 52 -26.30 -10.89 9.15
C TYR B 52 -24.94 -10.24 8.87
N THR B 53 -24.23 -10.77 7.87
CA THR B 53 -22.97 -10.18 7.43
C THR B 53 -23.17 -8.77 6.89
N LEU B 54 -24.23 -8.57 6.08
CA LEU B 54 -24.56 -7.25 5.55
C LEU B 54 -24.86 -6.26 6.67
N PHE B 55 -25.59 -6.72 7.69
CA PHE B 55 -25.97 -5.86 8.81
C PHE B 55 -24.75 -5.44 9.62
N VAL B 56 -23.86 -6.38 9.94
CA VAL B 56 -22.71 -6.02 10.78
C VAL B 56 -21.71 -5.16 10.00
N VAL B 57 -21.54 -5.39 8.70
CA VAL B 57 -20.58 -4.59 7.93
C VAL B 57 -21.12 -3.17 7.72
N ALA B 58 -22.43 -3.05 7.41
CA ALA B 58 -23.03 -1.72 7.26
C ALA B 58 -23.05 -0.96 8.58
N THR B 59 -23.29 -1.66 9.70
CA THR B 59 -23.32 -0.99 11.00
C THR B 59 -21.94 -0.51 11.43
N PHE B 60 -20.91 -1.31 11.16
CA PHE B 60 -19.56 -0.86 11.49
C PHE B 60 -19.04 0.19 10.52
N TRP B 61 -19.55 0.24 9.29
CA TRP B 61 -19.16 1.30 8.37
C TRP B 61 -19.82 2.62 8.71
N LEU B 62 -21.09 2.59 9.12
CA LEU B 62 -21.81 3.83 9.39
C LEU B 62 -21.33 4.48 10.69
N THR B 63 -21.09 3.68 11.72
CA THR B 63 -20.72 4.24 13.02
C THR B 63 -19.23 4.44 13.21
N GLU B 64 -18.41 3.86 12.31
CA GLU B 64 -16.95 3.87 12.37
C GLU B 64 -16.42 3.32 13.70
N ALA B 65 -16.93 2.15 14.07
CA ALA B 65 -16.41 1.45 15.23
C ALA B 65 -15.06 0.84 14.94
N LEU B 66 -14.82 0.42 13.70
CA LEU B 66 -13.56 -0.09 13.19
C LEU B 66 -13.05 0.82 12.08
N PRO B 67 -11.72 0.93 11.89
CA PRO B 67 -11.20 1.97 10.99
C PRO B 67 -11.34 1.72 9.49
N LEU B 68 -12.55 1.38 9.02
CA LEU B 68 -13.03 1.53 7.64
C LEU B 68 -12.38 0.57 6.64
N SER B 69 -11.34 -0.14 7.05
CA SER B 69 -10.70 -1.15 6.25
C SER B 69 -10.47 -2.45 7.00
N VAL B 70 -10.48 -2.42 8.33
CA VAL B 70 -10.67 -3.63 9.11
C VAL B 70 -12.07 -4.19 8.85
N THR B 71 -13.04 -3.29 8.66
CA THR B 71 -14.39 -3.71 8.29
C THR B 71 -14.44 -4.26 6.87
N ALA B 72 -13.61 -3.75 5.98
CA ALA B 72 -13.59 -4.22 4.60
C ALA B 72 -13.07 -5.64 4.47
N LEU B 73 -12.26 -6.10 5.41
CA LEU B 73 -11.74 -7.46 5.41
C LEU B 73 -12.68 -8.45 6.10
N LEU B 74 -13.74 -7.97 6.73
CA LEU B 74 -14.71 -8.81 7.43
C LEU B 74 -15.62 -9.67 6.53
N PRO B 75 -16.05 -9.25 5.33
CA PRO B 75 -16.76 -10.23 4.48
C PRO B 75 -15.89 -11.39 4.02
N SER B 76 -14.61 -11.16 3.74
CA SER B 76 -13.71 -12.24 3.35
C SER B 76 -13.39 -13.19 4.50
N LEU B 77 -13.72 -12.83 5.73
CA LEU B 77 -13.64 -13.71 6.88
C LEU B 77 -14.96 -14.40 7.20
N MET B 78 -16.09 -13.69 7.05
CA MET B 78 -17.38 -14.17 7.50
C MET B 78 -18.20 -14.90 6.43
N LEU B 79 -18.01 -14.59 5.15
CA LEU B 79 -18.74 -15.30 4.11
C LEU B 79 -18.24 -16.73 3.84
N PRO B 80 -16.93 -17.07 3.90
CA PRO B 80 -16.59 -18.50 3.81
C PRO B 80 -17.05 -19.36 4.97
N MET B 81 -17.19 -18.81 6.17
CA MET B 81 -17.61 -19.64 7.30
C MET B 81 -19.10 -19.96 7.29
N PHE B 82 -19.89 -19.24 6.48
CA PHE B 82 -21.31 -19.54 6.34
C PHE B 82 -21.59 -20.47 5.17
N GLY B 83 -20.70 -20.53 4.19
CA GLY B 83 -20.89 -21.34 3.01
C GLY B 83 -21.01 -20.57 1.71
N ILE B 84 -20.56 -19.31 1.67
CA ILE B 84 -20.63 -18.48 0.47
C ILE B 84 -19.21 -18.28 -0.02
N MET B 85 -18.92 -18.74 -1.24
CA MET B 85 -17.60 -18.66 -1.83
C MET B 85 -17.63 -17.80 -3.09
N PRO B 86 -16.53 -17.11 -3.42
CA PRO B 86 -16.49 -16.34 -4.67
C PRO B 86 -16.38 -17.23 -5.90
N PHE B 95 -1.90 -4.73 -13.45
CA PHE B 95 -2.72 -3.69 -12.84
C PHE B 95 -3.17 -2.64 -13.85
N LYS B 96 -4.24 -1.93 -13.50
CA LYS B 96 -5.02 -1.14 -14.44
C LYS B 96 -4.57 0.31 -14.45
N ASP B 97 -5.15 1.09 -15.38
CA ASP B 97 -4.68 2.44 -15.66
C ASP B 97 -4.97 3.42 -14.53
N PHE B 98 -6.03 3.17 -13.76
CA PHE B 98 -6.37 4.10 -12.68
C PHE B 98 -5.36 4.04 -11.54
N HIS B 99 -4.78 2.85 -11.30
CA HIS B 99 -3.70 2.75 -10.31
C HIS B 99 -2.45 3.48 -10.77
N LEU B 100 -2.15 3.41 -12.09
CA LEU B 100 -1.02 4.15 -12.65
C LEU B 100 -1.22 5.65 -12.52
N LEU B 101 -2.43 6.14 -12.81
CA LEU B 101 -2.73 7.55 -12.67
C LEU B 101 -2.70 7.99 -11.20
N LEU B 102 -3.14 7.12 -10.28
CA LEU B 102 -3.07 7.44 -8.87
C LEU B 102 -1.64 7.53 -8.37
N ILE B 103 -0.78 6.62 -8.83
CA ILE B 103 0.65 6.68 -8.50
C ILE B 103 1.26 7.97 -9.03
N GLY B 104 0.93 8.33 -10.27
CA GLY B 104 1.47 9.55 -10.86
C GLY B 104 1.00 10.83 -10.21
N VAL B 105 -0.22 10.85 -9.66
CA VAL B 105 -0.66 12.07 -8.99
C VAL B 105 -0.15 12.13 -7.55
N ILE B 106 0.02 10.98 -6.89
CA ILE B 106 0.55 10.99 -5.53
C ILE B 106 2.02 11.37 -5.54
N CYS B 107 2.74 11.01 -6.62
CA CYS B 107 4.14 11.44 -6.78
C CYS B 107 4.27 12.96 -6.85
N LEU B 108 3.32 13.63 -7.50
CA LEU B 108 3.34 15.08 -7.60
C LEU B 108 2.88 15.73 -6.30
N ALA B 109 1.86 15.15 -5.65
CA ALA B 109 1.32 15.73 -4.43
C ALA B 109 2.31 15.63 -3.27
N THR B 110 3.08 14.55 -3.21
CA THR B 110 4.09 14.37 -2.18
C THR B 110 5.18 15.42 -2.30
N SER B 111 5.58 15.74 -3.53
CA SER B 111 6.61 16.77 -3.73
C SER B 111 6.07 18.17 -3.50
N ILE B 112 4.78 18.41 -3.80
CA ILE B 112 4.20 19.72 -3.55
C ILE B 112 4.08 19.98 -2.06
N GLU B 113 3.61 18.99 -1.29
CA GLU B 113 3.50 19.19 0.16
C GLU B 113 4.85 19.15 0.86
N LYS B 114 5.81 18.38 0.36
CA LYS B 114 7.06 18.17 1.09
C LYS B 114 7.95 19.40 1.06
N TRP B 115 8.10 20.02 -0.11
CA TRP B 115 9.00 21.16 -0.26
C TRP B 115 8.29 22.49 -0.05
N ASN B 116 7.05 22.46 0.46
CA ASN B 116 6.26 23.64 0.83
C ASN B 116 6.03 24.58 -0.36
N LEU B 117 5.75 24.02 -1.52
CA LEU B 117 5.30 24.83 -2.64
C LEU B 117 3.85 25.26 -2.44
N HIS B 118 3.09 24.45 -1.72
CA HIS B 118 1.66 24.69 -1.52
C HIS B 118 1.38 25.87 -0.61
N LYS B 119 2.33 26.26 0.24
CA LYS B 119 2.19 27.50 0.99
C LYS B 119 2.53 28.73 0.16
N ARG B 120 3.38 28.57 -0.85
CA ARG B 120 3.75 29.69 -1.71
C ARG B 120 2.66 30.05 -2.69
N ILE B 121 1.95 29.04 -3.21
CA ILE B 121 0.89 29.26 -4.19
C ILE B 121 -0.47 29.41 -3.52
N ALA B 122 -0.50 29.58 -2.20
CA ALA B 122 -1.67 30.02 -1.46
C ALA B 122 -1.56 31.46 -0.99
N LEU B 123 -0.37 31.89 -0.60
CA LEU B 123 -0.09 33.28 -0.27
C LEU B 123 0.20 34.12 -1.50
N LYS B 124 0.20 33.53 -2.69
CA LYS B 124 0.31 34.30 -3.92
C LYS B 124 -1.05 34.56 -4.56
N MET B 125 -2.02 33.70 -4.34
CA MET B 125 -3.39 33.99 -4.79
C MET B 125 -4.03 35.05 -3.91
N VAL B 126 -3.88 34.94 -2.59
CA VAL B 126 -4.02 36.10 -1.71
C VAL B 126 -2.87 37.06 -1.99
N MET B 127 -3.07 38.35 -1.71
CA MET B 127 -2.27 39.55 -1.98
C MET B 127 -2.36 39.97 -3.46
N MET B 128 -2.97 39.17 -4.33
CA MET B 128 -3.32 39.60 -5.67
C MET B 128 -4.81 39.91 -5.80
N VAL B 129 -5.65 39.12 -5.13
CA VAL B 129 -7.08 39.40 -5.08
C VAL B 129 -7.44 40.23 -3.85
N GLY B 130 -6.60 40.24 -2.84
CA GLY B 130 -6.93 40.83 -1.56
C GLY B 130 -7.00 42.34 -1.49
N VAL B 131 -7.91 42.94 -2.28
CA VAL B 131 -8.35 44.31 -2.05
C VAL B 131 -9.10 44.44 -0.73
N ASN B 132 -9.75 43.35 -0.30
CA ASN B 132 -10.45 43.16 0.96
C ASN B 132 -11.38 44.27 1.49
N PRO B 133 -12.42 44.65 0.71
CA PRO B 133 -13.72 44.85 1.38
C PRO B 133 -14.31 43.50 1.72
N ALA B 134 -14.41 42.65 0.68
CA ALA B 134 -14.87 41.28 0.82
C ALA B 134 -14.12 40.33 -0.12
N TRP B 135 -13.07 40.79 -0.80
CA TRP B 135 -12.32 39.97 -1.75
C TRP B 135 -11.33 39.04 -1.06
N LEU B 136 -10.99 39.30 0.20
CA LEU B 136 -10.11 38.40 0.93
C LEU B 136 -10.76 37.05 1.20
N THR B 137 -12.08 37.04 1.39
CA THR B 137 -12.82 35.79 1.51
C THR B 137 -12.77 35.00 0.20
N LEU B 138 -12.90 35.69 -0.94
CA LEU B 138 -12.79 35.05 -2.24
C LEU B 138 -11.38 34.53 -2.49
N GLY B 139 -10.36 35.24 -2.04
CA GLY B 139 -9.00 34.76 -2.18
C GLY B 139 -8.72 33.53 -1.34
N PHE B 140 -9.17 33.54 -0.08
CA PHE B 140 -9.01 32.38 0.79
C PHE B 140 -9.85 31.20 0.31
N MET B 141 -10.94 31.45 -0.41
CA MET B 141 -11.70 30.36 -0.99
C MET B 141 -11.02 29.78 -2.21
N SER B 142 -10.54 30.66 -3.11
CA SER B 142 -9.96 30.22 -4.38
C SER B 142 -8.62 29.52 -4.19
N SER B 143 -7.84 29.93 -3.18
CA SER B 143 -6.56 29.28 -2.90
C SER B 143 -6.74 27.81 -2.53
N THR B 144 -7.59 27.54 -1.53
CA THR B 144 -7.78 26.16 -1.13
C THR B 144 -8.65 25.37 -2.11
N ALA B 145 -9.48 26.05 -2.90
CA ALA B 145 -10.23 25.35 -3.95
C ALA B 145 -9.30 24.88 -5.07
N PHE B 146 -8.32 25.71 -5.45
CA PHE B 146 -7.32 25.26 -6.41
C PHE B 146 -6.41 24.19 -5.81
N LEU B 147 -6.06 24.34 -4.54
CA LEU B 147 -5.08 23.44 -3.93
C LEU B 147 -5.66 22.07 -3.61
N SER B 148 -6.96 21.96 -3.37
CA SER B 148 -7.56 20.68 -3.06
C SER B 148 -7.97 19.88 -4.30
N MET B 149 -7.72 20.41 -5.50
CA MET B 149 -7.84 19.57 -6.68
C MET B 149 -6.73 18.54 -6.76
N TRP B 150 -5.58 18.85 -6.17
CA TRP B 150 -4.38 18.02 -6.24
C TRP B 150 -4.04 17.36 -4.92
N LEU B 151 -4.07 18.12 -3.82
CA LEU B 151 -3.81 17.57 -2.50
C LEU B 151 -5.11 17.01 -1.94
N SER B 152 -5.11 16.65 -0.66
CA SER B 152 -6.33 16.20 -0.01
C SER B 152 -7.03 17.38 0.65
N ASN B 153 -8.32 17.20 0.95
CA ASN B 153 -9.10 18.26 1.58
C ASN B 153 -8.64 18.50 3.01
N THR B 154 -8.28 17.42 3.72
CA THR B 154 -7.82 17.52 5.10
C THR B 154 -6.50 18.28 5.20
N SER B 155 -5.56 17.98 4.30
CA SER B 155 -4.24 18.62 4.35
C SER B 155 -4.32 20.09 3.98
N THR B 156 -5.14 20.44 2.99
CA THR B 156 -5.31 21.85 2.63
C THR B 156 -6.05 22.62 3.71
N ALA B 157 -7.06 22.01 4.32
CA ALA B 157 -7.79 22.68 5.40
C ALA B 157 -6.93 22.83 6.65
N ALA B 158 -5.96 21.94 6.86
CA ALA B 158 -5.03 22.09 7.96
C ALA B 158 -3.87 23.01 7.62
N MET B 159 -3.60 23.26 6.34
CA MET B 159 -2.53 24.17 5.95
C MET B 159 -2.97 25.63 5.91
N VAL B 160 -4.12 25.93 5.29
CA VAL B 160 -4.51 27.33 5.10
C VAL B 160 -5.04 27.96 6.39
N MET B 161 -5.61 27.17 7.30
CA MET B 161 -6.22 27.70 8.53
C MET B 161 -5.27 28.43 9.49
N PRO B 162 -4.00 28.00 9.70
CA PRO B 162 -3.09 28.89 10.46
C PRO B 162 -2.76 30.19 9.73
N ILE B 163 -2.56 30.13 8.41
CA ILE B 163 -2.28 31.33 7.62
C ILE B 163 -3.47 32.29 7.66
N ALA B 164 -4.67 31.76 7.50
CA ALA B 164 -5.88 32.58 7.52
C ALA B 164 -6.13 33.15 8.91
N GLU B 165 -5.84 32.37 9.96
CA GLU B 165 -5.98 32.85 11.33
C GLU B 165 -5.02 33.99 11.62
N ALA B 166 -3.76 33.85 11.19
CA ALA B 166 -2.78 34.91 11.42
C ALA B 166 -3.11 36.16 10.61
N VAL B 167 -3.61 36.00 9.39
CA VAL B 167 -3.96 37.15 8.55
C VAL B 167 -5.16 37.90 9.13
N VAL B 168 -6.21 37.17 9.55
CA VAL B 168 -7.38 37.82 10.13
C VAL B 168 -7.06 38.47 11.47
N GLN B 169 -6.18 37.84 12.26
CA GLN B 169 -5.78 38.42 13.54
C GLN B 169 -4.97 39.70 13.34
N GLN B 170 -4.01 39.69 12.42
CA GLN B 170 -3.16 40.86 12.23
C GLN B 170 -3.80 41.93 11.35
N ILE B 171 -4.93 41.65 10.70
CA ILE B 171 -5.71 42.71 10.07
C ILE B 171 -6.69 43.33 11.07
N ILE B 172 -7.31 42.51 11.93
CA ILE B 172 -8.23 43.03 12.94
C ILE B 172 -7.49 43.86 13.97
N ASN B 173 -6.33 43.37 14.44
CA ASN B 173 -5.48 44.13 15.36
C ASN B 173 -4.71 45.18 14.58
N ALA B 174 -5.41 46.25 14.23
CA ALA B 174 -4.83 47.37 13.49
C ALA B 174 -5.61 48.65 13.76
N LYS B 245 -17.71 42.80 15.26
CA LYS B 245 -17.51 42.53 13.83
C LYS B 245 -16.24 41.69 13.69
N GLY B 246 -15.38 41.74 14.72
CA GLY B 246 -14.19 40.92 14.73
C GLY B 246 -14.46 39.45 15.01
N HIS B 247 -15.64 39.11 15.53
CA HIS B 247 -15.98 37.74 15.85
C HIS B 247 -16.62 37.00 14.69
N VAL B 248 -17.38 37.69 13.83
CA VAL B 248 -18.00 37.05 12.68
C VAL B 248 -17.00 36.80 11.56
N THR B 249 -15.88 37.54 11.54
CA THR B 249 -14.87 37.36 10.50
C THR B 249 -14.12 36.05 10.70
N ARG B 250 -13.93 35.63 11.94
CA ARG B 250 -13.24 34.37 12.24
C ARG B 250 -14.07 33.17 11.78
N LYS B 251 -15.36 33.17 12.09
CA LYS B 251 -16.21 32.05 11.70
C LYS B 251 -16.51 32.06 10.20
N LEU B 252 -16.62 33.25 9.61
CA LEU B 252 -16.74 33.35 8.16
C LEU B 252 -15.50 32.82 7.46
N THR B 253 -14.31 33.14 7.98
CA THR B 253 -13.07 32.67 7.40
C THR B 253 -12.92 31.15 7.56
N CYS B 254 -13.31 30.62 8.72
CA CYS B 254 -13.27 29.18 8.96
C CYS B 254 -14.18 28.41 8.01
N LEU B 255 -15.42 28.88 7.86
CA LEU B 255 -16.36 28.19 6.99
C LEU B 255 -15.98 28.35 5.52
N CYS B 256 -15.43 29.50 5.14
CA CYS B 256 -15.00 29.66 3.75
C CYS B 256 -13.75 28.86 3.43
N ILE B 257 -12.94 28.53 4.43
CA ILE B 257 -11.83 27.60 4.19
C ILE B 257 -12.37 26.19 4.00
N ALA B 258 -13.21 25.72 4.94
CA ALA B 258 -13.63 24.32 4.94
C ALA B 258 -14.54 23.99 3.77
N TYR B 259 -15.52 24.85 3.47
CA TYR B 259 -16.48 24.56 2.42
C TYR B 259 -15.82 24.59 1.05
N SER B 260 -14.89 25.52 0.85
CA SER B 260 -14.23 25.60 -0.45
C SER B 260 -13.16 24.55 -0.62
N SER B 261 -12.57 24.04 0.47
CA SER B 261 -11.72 22.86 0.34
C SER B 261 -12.54 21.63 -0.01
N THR B 262 -13.79 21.55 0.48
CA THR B 262 -14.68 20.47 0.06
C THR B 262 -15.07 20.62 -1.41
N ILE B 263 -15.41 21.84 -1.83
CA ILE B 263 -15.87 22.09 -3.20
C ILE B 263 -14.74 21.86 -4.21
N GLY B 264 -13.53 22.31 -3.88
CA GLY B 264 -12.37 22.06 -4.74
C GLY B 264 -11.95 20.61 -4.82
N GLY B 265 -12.38 19.77 -3.86
CA GLY B 265 -12.14 18.35 -3.89
C GLY B 265 -12.85 17.61 -4.99
N LEU B 266 -13.83 18.24 -5.64
CA LEU B 266 -14.39 17.78 -6.91
C LEU B 266 -13.46 18.18 -8.05
N THR B 267 -13.95 18.13 -9.29
CA THR B 267 -13.31 18.51 -10.56
C THR B 267 -12.14 17.59 -10.95
N THR B 268 -11.77 16.62 -10.12
CA THR B 268 -10.72 15.67 -10.40
C THR B 268 -11.14 14.32 -9.83
N ILE B 269 -10.89 13.25 -10.59
CA ILE B 269 -11.13 11.91 -10.06
C ILE B 269 -10.14 11.60 -8.94
N THR B 270 -8.93 12.13 -9.03
CA THR B 270 -7.94 12.00 -7.96
C THR B 270 -7.92 13.21 -7.04
N GLY B 271 -9.08 13.59 -6.51
CA GLY B 271 -9.14 14.77 -5.65
C GLY B 271 -9.73 14.47 -4.29
N THR B 272 -10.53 13.43 -4.23
CA THR B 272 -11.11 12.96 -2.98
C THR B 272 -11.30 11.46 -3.09
N SER B 273 -11.45 10.81 -1.92
CA SER B 273 -11.52 9.36 -1.89
C SER B 273 -12.86 8.84 -2.41
N THR B 274 -13.93 9.62 -2.27
CA THR B 274 -15.22 9.22 -2.81
C THR B 274 -15.27 9.31 -4.33
N ASN B 275 -14.32 10.00 -4.96
CA ASN B 275 -14.19 9.97 -6.42
C ASN B 275 -13.36 8.78 -6.87
N LEU B 276 -12.30 8.45 -6.10
CA LEU B 276 -11.48 7.28 -6.39
C LEU B 276 -12.27 5.99 -6.26
N ILE B 277 -13.17 5.94 -5.27
CA ILE B 277 -14.00 4.75 -5.07
C ILE B 277 -14.97 4.58 -6.23
N PHE B 278 -15.56 5.68 -6.71
CA PHE B 278 -16.48 5.62 -7.84
C PHE B 278 -15.76 5.18 -9.12
N ALA B 279 -14.56 5.71 -9.36
CA ALA B 279 -13.82 5.34 -10.57
C ALA B 279 -13.36 3.89 -10.53
N GLU B 280 -12.90 3.41 -9.36
CA GLU B 280 -12.48 2.03 -9.24
C GLU B 280 -13.65 1.06 -9.28
N TYR B 281 -14.83 1.48 -8.80
CA TYR B 281 -16.03 0.66 -8.96
C TYR B 281 -16.48 0.61 -10.41
N PHE B 282 -16.41 1.75 -11.11
CA PHE B 282 -16.96 1.85 -12.45
C PHE B 282 -16.11 1.11 -13.47
N ASN B 283 -14.79 1.25 -13.39
CA ASN B 283 -13.95 0.57 -14.37
C ASN B 283 -13.77 -0.92 -14.06
N THR B 284 -14.25 -1.38 -12.89
CA THR B 284 -14.28 -2.80 -12.59
C THR B 284 -15.61 -3.43 -12.97
N ARG B 285 -16.72 -2.72 -12.77
CA ARG B 285 -18.02 -3.27 -13.17
C ARG B 285 -18.28 -3.09 -14.65
N TYR B 286 -17.73 -2.05 -15.27
CA TYR B 286 -17.91 -1.79 -16.69
C TYR B 286 -16.54 -1.61 -17.34
N PRO B 287 -15.87 -2.71 -17.70
CA PRO B 287 -14.54 -2.61 -18.30
C PRO B 287 -14.55 -2.40 -19.81
N ASP B 288 -15.71 -2.35 -20.45
CA ASP B 288 -15.81 -2.05 -21.86
C ASP B 288 -16.15 -0.58 -22.12
N CYS B 289 -16.13 0.24 -21.08
CA CYS B 289 -16.46 1.66 -21.18
C CYS B 289 -15.19 2.48 -21.24
N ARG B 290 -15.09 3.35 -22.25
CA ARG B 290 -14.00 4.32 -22.34
C ARG B 290 -14.64 5.68 -22.58
N CYS B 291 -15.13 6.30 -21.50
CA CYS B 291 -15.56 7.68 -21.54
C CYS B 291 -15.28 8.43 -20.24
N LEU B 292 -14.67 7.78 -19.25
CA LEU B 292 -14.41 8.40 -17.95
C LEU B 292 -12.90 8.36 -17.69
N ASN B 293 -12.27 9.53 -17.76
CA ASN B 293 -10.86 9.67 -17.46
C ASN B 293 -10.68 11.02 -16.76
N PHE B 294 -9.44 11.51 -16.72
CA PHE B 294 -9.12 12.75 -16.02
C PHE B 294 -9.81 13.95 -16.67
N GLY B 295 -9.62 14.11 -17.99
CA GLY B 295 -10.12 15.29 -18.65
C GLY B 295 -11.62 15.31 -18.83
N SER B 296 -12.24 14.16 -19.06
CA SER B 296 -13.69 14.12 -19.19
C SER B 296 -14.39 14.34 -17.86
N TRP B 297 -13.74 14.00 -16.75
CA TRP B 297 -14.28 14.33 -15.44
C TRP B 297 -14.13 15.82 -15.16
N PHE B 298 -12.96 16.38 -15.46
CA PHE B 298 -12.72 17.80 -15.22
C PHE B 298 -13.65 18.67 -16.07
N THR B 299 -13.92 18.25 -17.30
CA THR B 299 -14.72 19.05 -18.24
C THR B 299 -16.17 19.18 -17.81
N PHE B 300 -16.76 18.14 -17.20
CA PHE B 300 -18.12 18.29 -16.73
C PHE B 300 -18.19 18.76 -15.28
N SER B 301 -17.13 18.61 -14.49
CA SER B 301 -17.24 18.95 -13.08
C SER B 301 -16.73 20.33 -12.75
N PHE B 302 -15.87 20.94 -13.56
CA PHE B 302 -15.41 22.30 -13.32
C PHE B 302 -16.48 23.39 -13.51
N PRO B 303 -17.36 23.37 -14.52
CA PRO B 303 -18.43 24.40 -14.56
C PRO B 303 -19.42 24.30 -13.41
N ALA B 304 -19.61 23.13 -12.83
CA ALA B 304 -20.50 23.03 -11.68
C ALA B 304 -19.86 23.63 -10.44
N ALA B 305 -18.61 23.25 -10.16
CA ALA B 305 -17.91 23.70 -8.96
C ALA B 305 -17.57 25.18 -9.00
N LEU B 306 -17.35 25.76 -10.19
CA LEU B 306 -17.14 27.21 -10.27
C LEU B 306 -18.39 27.99 -9.87
N ILE B 307 -19.56 27.54 -10.31
CA ILE B 307 -20.82 28.19 -9.94
C ILE B 307 -21.11 27.99 -8.46
N ILE B 308 -20.83 26.79 -7.93
CA ILE B 308 -21.08 26.51 -6.52
C ILE B 308 -20.17 27.37 -5.63
N LEU B 309 -18.90 27.55 -6.04
CA LEU B 309 -17.98 28.40 -5.30
C LEU B 309 -18.41 29.87 -5.33
N LEU B 310 -18.75 30.38 -6.53
CA LEU B 310 -19.11 31.78 -6.66
C LEU B 310 -20.46 32.11 -6.03
N LEU B 311 -21.34 31.12 -5.86
CA LEU B 311 -22.59 31.37 -5.14
C LEU B 311 -22.45 31.18 -3.64
N SER B 312 -21.58 30.26 -3.20
CA SER B 312 -21.34 30.10 -1.77
C SER B 312 -20.61 31.29 -1.18
N TRP B 313 -19.74 31.94 -1.98
CA TRP B 313 -19.07 33.15 -1.52
C TRP B 313 -20.08 34.27 -1.25
N ILE B 314 -21.03 34.48 -2.17
CA ILE B 314 -22.07 35.49 -2.00
C ILE B 314 -22.98 35.14 -0.82
N TRP B 315 -23.32 33.85 -0.68
CA TRP B 315 -24.21 33.40 0.40
C TRP B 315 -23.58 33.62 1.77
N LEU B 316 -22.33 33.22 1.95
CA LEU B 316 -21.68 33.38 3.25
C LEU B 316 -21.35 34.84 3.53
N GLN B 317 -21.00 35.61 2.50
CA GLN B 317 -20.68 37.02 2.69
C GLN B 317 -21.92 37.82 3.06
N TRP B 318 -23.09 37.46 2.53
CA TRP B 318 -24.30 38.12 2.97
C TRP B 318 -24.78 37.61 4.33
N LEU B 319 -24.58 36.32 4.59
CA LEU B 319 -25.06 35.73 5.84
C LEU B 319 -24.34 36.30 7.05
N PHE B 320 -23.01 36.31 7.02
CA PHE B 320 -22.30 36.73 8.22
C PHE B 320 -22.08 38.24 8.29
N LEU B 321 -21.78 38.88 7.16
CA LEU B 321 -21.49 40.31 7.13
C LEU B 321 -22.37 41.00 6.10
N GLY B 322 -22.06 42.27 5.79
CA GLY B 322 -22.80 42.99 4.77
C GLY B 322 -22.61 42.44 3.37
N ALA B 343 -1.80 45.15 2.77
CA ALA B 343 -0.51 45.69 2.33
C ALA B 343 0.64 45.00 3.07
N GLU B 344 1.18 45.66 4.09
CA GLU B 344 2.29 45.10 4.85
C GLU B 344 1.85 43.97 5.78
N VAL B 345 0.57 43.88 6.12
CA VAL B 345 0.09 42.82 6.98
C VAL B 345 0.00 41.47 6.27
N ILE B 346 -0.19 41.45 4.95
CA ILE B 346 -0.16 40.20 4.20
C ILE B 346 1.23 39.95 3.59
N LYS B 347 1.95 41.00 3.23
CA LYS B 347 3.32 40.88 2.70
C LYS B 347 4.34 40.84 3.82
N GLN B 348 4.07 40.02 4.83
CA GLN B 348 5.04 39.67 5.87
C GLN B 348 5.07 38.18 6.18
N GLU B 349 3.97 37.45 5.98
CA GLU B 349 3.98 36.00 6.05
C GLU B 349 4.54 35.39 4.78
N TYR B 350 4.56 36.15 3.68
CA TYR B 350 5.19 35.68 2.46
C TYR B 350 6.71 35.72 2.57
N GLN B 351 7.26 36.81 3.12
CA GLN B 351 8.71 36.91 3.30
C GLN B 351 9.23 36.03 4.43
N LYS B 352 8.36 35.47 5.27
CA LYS B 352 8.80 34.47 6.23
C LYS B 352 8.93 33.09 5.60
N LEU B 353 8.47 32.90 4.36
CA LEU B 353 8.78 31.69 3.61
C LEU B 353 10.19 31.70 3.05
N GLY B 354 10.81 32.87 2.96
CA GLY B 354 12.13 33.01 2.40
C GLY B 354 12.07 33.29 0.91
N PRO B 355 13.19 33.10 0.22
CA PRO B 355 13.17 33.15 -1.24
C PRO B 355 12.82 31.78 -1.80
N ILE B 356 12.64 31.74 -3.12
CA ILE B 356 12.23 30.51 -3.79
C ILE B 356 13.44 29.59 -3.93
N ARG B 357 13.24 28.32 -3.63
CA ARG B 357 14.31 27.33 -3.62
C ARG B 357 14.34 26.56 -4.94
N TYR B 358 15.41 25.79 -5.13
CA TYR B 358 15.57 25.01 -6.36
C TYR B 358 14.59 23.85 -6.42
N GLN B 359 14.24 23.28 -5.26
CA GLN B 359 13.44 22.06 -5.22
C GLN B 359 11.98 22.29 -5.56
N GLU B 360 11.50 23.52 -5.51
CA GLU B 360 10.11 23.82 -5.83
C GLU B 360 9.94 24.63 -7.11
N ILE B 361 11.02 24.92 -7.83
CA ILE B 361 10.90 25.38 -9.20
C ILE B 361 10.77 24.20 -10.15
N VAL B 362 11.49 23.10 -9.87
CA VAL B 362 11.37 21.91 -10.71
C VAL B 362 10.03 21.22 -10.46
N THR B 363 9.52 21.27 -9.23
CA THR B 363 8.19 20.74 -8.92
C THR B 363 7.12 21.57 -9.61
N LEU B 364 7.31 22.89 -9.67
CA LEU B 364 6.38 23.75 -10.37
C LEU B 364 6.39 23.51 -11.88
N VAL B 365 7.58 23.33 -12.45
CA VAL B 365 7.69 23.07 -13.89
C VAL B 365 7.08 21.72 -14.25
N LEU B 366 7.34 20.69 -13.45
CA LEU B 366 6.73 19.38 -13.71
C LEU B 366 5.22 19.39 -13.48
N PHE B 367 4.74 20.20 -12.53
CA PHE B 367 3.32 20.44 -12.34
C PHE B 367 2.68 21.04 -13.58
N ILE B 368 3.29 22.11 -14.12
CA ILE B 368 2.75 22.80 -15.29
C ILE B 368 2.78 21.88 -16.52
N ILE B 369 3.85 21.08 -16.66
CA ILE B 369 3.99 20.18 -17.80
C ILE B 369 2.95 19.06 -17.74
N MET B 370 2.78 18.45 -16.56
CA MET B 370 1.78 17.39 -16.41
C MET B 370 0.37 17.92 -16.59
N ALA B 371 0.12 19.15 -16.12
CA ALA B 371 -1.22 19.74 -16.22
C ALA B 371 -1.58 20.07 -17.66
N LEU B 372 -0.67 20.71 -18.40
CA LEU B 372 -1.00 21.00 -19.79
C LEU B 372 -0.72 19.83 -20.73
N LEU B 373 -0.24 18.70 -20.24
CA LEU B 373 -0.25 17.49 -21.04
C LEU B 373 -1.47 16.62 -20.76
N TRP B 374 -2.12 16.78 -19.60
CA TRP B 374 -3.36 16.07 -19.33
C TRP B 374 -4.51 16.62 -20.15
N PHE B 375 -4.72 17.93 -20.06
CA PHE B 375 -5.90 18.56 -20.67
C PHE B 375 -5.80 18.71 -22.18
N SER B 376 -4.61 18.54 -22.75
CA SER B 376 -4.41 18.72 -24.18
C SER B 376 -4.58 17.43 -24.98
N ARG B 377 -5.36 16.48 -24.47
CA ARG B 377 -5.64 15.26 -25.21
C ARG B 377 -7.05 14.74 -24.92
N PHE B 389 -3.36 12.17 -28.40
CA PHE B 389 -2.65 13.05 -29.31
C PHE B 389 -2.75 12.56 -30.75
N SER B 390 -1.68 12.77 -31.53
CA SER B 390 -1.69 12.42 -32.94
C SER B 390 -1.28 10.97 -33.17
N GLU B 391 -0.18 10.54 -32.57
CA GLU B 391 0.31 9.18 -32.77
C GLU B 391 -0.57 8.18 -32.02
N TYR B 392 -0.57 6.93 -32.51
CA TYR B 392 -1.52 5.96 -31.95
C TYR B 392 -1.09 4.50 -31.78
N PRO B 393 0.12 4.13 -31.24
CA PRO B 393 0.27 2.69 -30.92
C PRO B 393 -0.54 2.24 -29.71
N GLY B 394 -0.17 2.69 -28.52
CA GLY B 394 -1.00 2.49 -27.34
C GLY B 394 -0.81 3.48 -26.21
N PHE B 395 0.03 4.51 -26.41
CA PHE B 395 0.58 5.26 -25.29
C PHE B 395 0.11 6.71 -25.23
N ALA B 396 -0.99 7.05 -25.92
CA ALA B 396 -1.52 8.41 -25.86
C ALA B 396 -2.54 8.59 -24.75
N THR B 397 -2.43 7.84 -23.67
CA THR B 397 -3.38 7.86 -22.56
C THR B 397 -2.91 8.81 -21.44
N ASP B 398 -3.69 8.86 -20.36
CA ASP B 398 -3.36 9.69 -19.21
C ASP B 398 -2.42 9.01 -18.24
N SER B 399 -2.48 7.68 -18.15
CA SER B 399 -1.58 6.94 -17.26
C SER B 399 -0.14 6.99 -17.76
N THR B 400 0.05 7.09 -19.08
CA THR B 400 1.38 7.26 -19.65
C THR B 400 1.98 8.59 -19.23
N VAL B 401 1.19 9.67 -19.32
CA VAL B 401 1.64 10.99 -18.88
C VAL B 401 1.92 11.00 -17.39
N ALA B 402 1.05 10.35 -16.61
CA ALA B 402 1.19 10.30 -15.15
C ALA B 402 2.49 9.58 -14.75
N LEU B 403 2.74 8.40 -15.31
CA LEU B 403 3.97 7.68 -14.99
C LEU B 403 5.20 8.38 -15.54
N LEU B 404 5.14 8.87 -16.78
CA LEU B 404 6.31 9.43 -17.45
C LEU B 404 6.76 10.74 -16.82
N ILE B 405 5.86 11.49 -16.18
CA ILE B 405 6.32 12.70 -15.51
C ILE B 405 6.52 12.42 -14.02
N GLY B 406 5.68 11.57 -13.41
CA GLY B 406 5.78 11.37 -11.98
C GLY B 406 6.84 10.40 -11.52
N LEU B 407 7.45 9.63 -12.42
CA LEU B 407 8.58 8.81 -12.03
C LEU B 407 9.90 9.57 -12.09
N LEU B 408 9.88 10.82 -12.58
CA LEU B 408 11.05 11.69 -12.53
C LEU B 408 11.31 12.26 -11.15
N PHE B 409 10.35 12.18 -10.23
CA PHE B 409 10.59 12.68 -8.89
C PHE B 409 11.54 11.79 -8.10
N PHE B 410 11.55 10.49 -8.40
CA PHE B 410 12.52 9.59 -7.80
C PHE B 410 13.90 9.69 -8.42
N LEU B 411 14.02 10.30 -9.59
CA LEU B 411 15.26 10.33 -10.35
C LEU B 411 15.99 11.66 -10.28
N ILE B 412 15.27 12.77 -10.35
CA ILE B 412 15.89 14.10 -10.41
C ILE B 412 16.59 14.40 -9.08
N PRO B 413 17.86 14.77 -9.10
CA PRO B 413 18.54 15.12 -7.86
C PRO B 413 18.00 16.41 -7.27
N ALA B 414 17.83 16.43 -5.95
CA ALA B 414 17.35 17.62 -5.26
C ALA B 414 18.46 18.61 -4.95
N LYS B 415 19.68 18.34 -5.40
CA LYS B 415 20.92 18.99 -4.93
C LYS B 415 21.02 18.95 -3.40
N THR B 416 20.56 17.85 -2.81
CA THR B 416 20.61 17.61 -1.38
C THR B 416 21.62 16.49 -1.21
N LEU B 417 22.89 16.88 -1.07
CA LEU B 417 23.98 15.92 -1.04
C LEU B 417 23.98 15.21 0.30
N THR B 418 23.71 13.91 0.28
CA THR B 418 23.76 13.10 1.49
C THR B 418 25.21 12.96 1.93
N LYS B 419 25.49 13.32 3.18
CA LYS B 419 26.83 13.19 3.72
C LYS B 419 26.79 12.89 5.21
N PHE B 429 29.15 12.53 -0.69
CA PHE B 429 29.46 11.27 -1.36
C PHE B 429 28.27 10.74 -2.14
N ASP B 430 27.07 11.24 -1.83
CA ASP B 430 25.84 10.72 -2.40
C ASP B 430 24.81 11.84 -2.44
N TYR B 431 23.85 11.72 -3.34
CA TYR B 431 22.78 12.68 -3.47
C TYR B 431 21.45 12.07 -3.03
N SER B 432 20.44 12.92 -2.99
CA SER B 432 19.08 12.54 -2.62
C SER B 432 18.12 13.03 -3.69
N PRO B 433 17.04 12.28 -3.95
CA PRO B 433 16.08 12.73 -4.97
C PRO B 433 15.07 13.73 -4.42
N LEU B 434 14.10 14.12 -5.25
CA LEU B 434 13.00 14.95 -4.77
C LEU B 434 12.10 14.15 -3.85
N ILE B 435 11.84 12.88 -4.18
CA ILE B 435 10.87 12.05 -3.50
C ILE B 435 11.49 10.68 -3.26
N THR B 436 11.44 10.22 -2.00
CA THR B 436 11.87 8.87 -1.65
C THR B 436 10.66 7.95 -1.60
N TRP B 437 10.90 6.67 -1.33
CA TRP B 437 9.82 5.69 -1.40
C TRP B 437 9.00 5.65 -0.12
N LYS B 438 9.61 5.92 1.03
CA LYS B 438 8.86 5.89 2.29
C LYS B 438 7.85 7.03 2.37
N GLU B 439 8.20 8.20 1.82
CA GLU B 439 7.26 9.32 1.78
C GLU B 439 6.09 9.04 0.84
N PHE B 440 6.39 8.43 -0.32
CA PHE B 440 5.35 8.01 -1.25
C PHE B 440 4.42 6.98 -0.61
N GLN B 441 4.99 6.02 0.11
CA GLN B 441 4.21 5.00 0.82
C GLN B 441 3.38 5.61 1.95
N SER B 442 3.86 6.70 2.55
CA SER B 442 3.04 7.44 3.51
C SER B 442 1.86 8.10 2.84
N PHE B 443 2.08 8.75 1.70
CA PHE B 443 1.04 9.52 1.03
C PHE B 443 0.06 8.66 0.24
N MET B 444 0.43 7.44 -0.13
CA MET B 444 -0.39 6.64 -1.04
C MET B 444 -1.58 6.04 -0.31
N PRO B 445 -2.80 6.17 -0.85
CA PRO B 445 -3.96 5.47 -0.27
C PRO B 445 -3.97 4.00 -0.65
N TRP B 446 -3.65 3.14 0.31
CA TRP B 446 -3.64 1.71 0.08
C TRP B 446 -4.95 1.03 0.48
N ASP B 447 -5.70 1.62 1.41
CA ASP B 447 -6.92 1.01 1.93
C ASP B 447 -8.14 1.21 1.04
N ILE B 448 -8.03 2.05 0.00
CA ILE B 448 -9.16 2.28 -0.90
C ILE B 448 -9.43 1.03 -1.74
N ALA B 449 -8.37 0.33 -2.16
CA ALA B 449 -8.55 -0.91 -2.90
C ALA B 449 -9.13 -2.01 -2.00
N ILE B 450 -8.75 -2.01 -0.72
CA ILE B 450 -9.33 -2.95 0.24
C ILE B 450 -10.81 -2.65 0.44
N LEU B 451 -11.18 -1.37 0.44
CA LEU B 451 -12.58 -0.98 0.61
C LEU B 451 -13.43 -1.39 -0.60
N VAL B 452 -12.89 -1.17 -1.80
CA VAL B 452 -13.61 -1.57 -3.02
C VAL B 452 -13.71 -3.10 -3.11
N GLY B 453 -12.65 -3.81 -2.74
CA GLY B 453 -12.70 -5.26 -2.75
C GLY B 453 -13.66 -5.85 -1.72
N GLY B 454 -13.75 -5.23 -0.55
CA GLY B 454 -14.72 -5.67 0.46
C GLY B 454 -16.15 -5.41 0.03
N GLY B 455 -16.40 -4.25 -0.59
CA GLY B 455 -17.74 -3.98 -1.10
C GLY B 455 -18.13 -4.92 -2.23
N PHE B 456 -17.19 -5.25 -3.11
CA PHE B 456 -17.48 -6.18 -4.19
C PHE B 456 -17.71 -7.59 -3.68
N ALA B 457 -16.94 -8.01 -2.67
CA ALA B 457 -17.13 -9.32 -2.06
C ALA B 457 -18.47 -9.42 -1.35
N LEU B 458 -18.89 -8.35 -0.67
CA LEU B 458 -20.20 -8.35 -0.04
C LEU B 458 -21.33 -8.36 -1.06
N ALA B 459 -21.15 -7.67 -2.19
CA ALA B 459 -22.15 -7.66 -3.25
C ALA B 459 -22.31 -9.03 -3.89
N ASP B 460 -21.19 -9.71 -4.17
CA ASP B 460 -21.30 -11.05 -4.73
C ASP B 460 -21.80 -12.06 -3.71
N GLY B 461 -21.52 -11.85 -2.42
CA GLY B 461 -22.10 -12.68 -1.39
C GLY B 461 -23.61 -12.56 -1.32
N CYS B 462 -24.12 -11.32 -1.43
CA CYS B 462 -25.57 -11.11 -1.47
C CYS B 462 -26.18 -11.62 -2.76
N GLU B 463 -25.42 -11.62 -3.86
CA GLU B 463 -25.93 -12.17 -5.11
C GLU B 463 -26.04 -13.68 -5.07
N GLU B 464 -24.93 -14.38 -4.83
CA GLU B 464 -24.94 -15.83 -4.87
C GLU B 464 -25.44 -16.50 -3.59
N SER B 465 -25.74 -15.75 -2.53
CA SER B 465 -26.31 -16.40 -1.35
C SER B 465 -27.79 -16.73 -1.54
N GLY B 466 -28.55 -15.78 -2.06
CA GLY B 466 -29.98 -15.97 -2.28
C GLY B 466 -30.80 -14.82 -1.75
N LEU B 467 -30.12 -13.75 -1.34
CA LEU B 467 -30.77 -12.62 -0.69
C LEU B 467 -31.30 -11.59 -1.69
N SER B 468 -30.53 -11.33 -2.75
CA SER B 468 -30.91 -10.30 -3.72
C SER B 468 -32.15 -10.67 -4.51
N LYS B 469 -32.44 -11.96 -4.65
CA LYS B 469 -33.68 -12.39 -5.29
C LYS B 469 -34.88 -12.05 -4.43
N TRP B 470 -34.75 -12.17 -3.11
CA TRP B 470 -35.84 -11.92 -2.18
C TRP B 470 -36.21 -10.43 -2.15
N ILE B 471 -35.21 -9.57 -1.95
CA ILE B 471 -35.49 -8.13 -1.97
C ILE B 471 -35.71 -7.59 -3.39
N GLY B 472 -35.31 -8.35 -4.41
CA GLY B 472 -35.63 -7.94 -5.77
C GLY B 472 -37.08 -8.19 -6.12
N ASN B 473 -37.61 -9.34 -5.71
CA ASN B 473 -39.04 -9.60 -5.85
C ASN B 473 -39.87 -8.88 -4.81
N LYS B 474 -39.24 -8.35 -3.75
CA LYS B 474 -39.96 -7.57 -2.75
C LYS B 474 -40.18 -6.13 -3.20
N LEU B 475 -39.31 -5.61 -4.07
CA LEU B 475 -39.33 -4.20 -4.46
C LEU B 475 -39.63 -4.05 -5.95
N SER B 476 -40.58 -4.83 -6.44
CA SER B 476 -41.01 -4.73 -7.84
C SER B 476 -41.74 -3.45 -8.26
N PRO B 477 -42.52 -2.74 -7.42
CA PRO B 477 -43.05 -1.44 -7.89
C PRO B 477 -42.02 -0.30 -7.89
N LEU B 478 -40.76 -0.54 -7.54
CA LEU B 478 -39.75 0.51 -7.56
C LEU B 478 -39.35 0.89 -8.97
N GLY B 479 -39.62 0.05 -9.97
CA GLY B 479 -39.19 0.32 -11.31
C GLY B 479 -40.27 0.92 -12.19
N SER B 480 -41.29 1.50 -11.56
CA SER B 480 -42.36 2.18 -12.29
C SER B 480 -42.35 3.69 -12.05
N LEU B 481 -41.20 4.24 -11.72
CA LEU B 481 -40.97 5.64 -11.44
C LEU B 481 -40.38 6.35 -12.65
N PRO B 482 -40.64 7.65 -12.79
CA PRO B 482 -39.87 8.46 -13.75
C PRO B 482 -38.40 8.46 -13.38
N ALA B 483 -37.54 8.44 -14.41
CA ALA B 483 -36.11 8.23 -14.20
C ALA B 483 -35.45 9.41 -13.51
N TRP B 484 -36.00 10.62 -13.67
CA TRP B 484 -35.45 11.78 -12.98
C TRP B 484 -35.87 11.82 -11.50
N LEU B 485 -37.00 11.22 -11.16
CA LEU B 485 -37.43 11.16 -9.77
C LEU B 485 -36.53 10.25 -8.95
N ILE B 486 -35.96 9.23 -9.59
CA ILE B 486 -34.99 8.36 -8.91
C ILE B 486 -33.68 9.11 -8.67
N ILE B 487 -33.28 9.97 -9.62
CA ILE B 487 -32.14 10.87 -9.42
C ILE B 487 -32.38 11.77 -8.23
N LEU B 488 -33.58 12.35 -8.15
CA LEU B 488 -33.92 13.28 -7.08
C LEU B 488 -33.92 12.61 -5.71
N ILE B 489 -34.60 11.46 -5.60
CA ILE B 489 -34.72 10.83 -4.29
C ILE B 489 -33.39 10.18 -3.86
N SER B 490 -32.60 9.64 -4.79
CA SER B 490 -31.32 9.06 -4.42
C SER B 490 -30.30 10.13 -4.08
N SER B 491 -30.34 11.28 -4.76
CA SER B 491 -29.39 12.34 -4.46
C SER B 491 -29.71 12.99 -3.12
N LEU B 492 -30.99 13.23 -2.83
CA LEU B 492 -31.37 13.73 -1.51
C LEU B 492 -31.07 12.71 -0.42
N MET B 493 -31.21 11.42 -0.73
CA MET B 493 -30.90 10.38 0.24
C MET B 493 -29.42 10.34 0.60
N VAL B 494 -28.54 10.40 -0.42
CA VAL B 494 -27.11 10.33 -0.13
C VAL B 494 -26.61 11.64 0.47
N THR B 495 -27.20 12.78 0.10
CA THR B 495 -26.74 14.03 0.70
C THR B 495 -27.34 14.27 2.08
N SER B 496 -28.38 13.54 2.47
CA SER B 496 -28.84 13.57 3.85
C SER B 496 -28.05 12.60 4.71
N LEU B 497 -27.72 11.42 4.16
CA LEU B 497 -26.97 10.43 4.93
C LEU B 497 -25.52 10.84 5.13
N THR B 498 -24.92 11.56 4.19
CA THR B 498 -23.50 11.92 4.31
C THR B 498 -23.23 12.98 5.37
N GLU B 499 -24.25 13.59 5.97
CA GLU B 499 -24.03 14.57 7.01
C GLU B 499 -23.65 13.93 8.34
N VAL B 500 -24.12 12.71 8.60
CA VAL B 500 -23.82 12.02 9.83
C VAL B 500 -22.88 10.84 9.63
N ALA B 501 -22.75 10.32 8.42
CA ALA B 501 -21.86 9.21 8.13
C ALA B 501 -20.58 9.74 7.48
N SER B 502 -19.74 8.82 7.02
CA SER B 502 -18.49 9.16 6.36
C SER B 502 -18.70 9.19 4.85
N ASN B 503 -17.83 9.92 4.15
CA ASN B 503 -17.98 10.07 2.71
C ASN B 503 -17.61 8.80 1.92
N PRO B 504 -16.55 8.04 2.23
CA PRO B 504 -16.41 6.73 1.57
C PRO B 504 -17.44 5.71 1.99
N ALA B 505 -17.91 5.76 3.25
CA ALA B 505 -18.82 4.74 3.76
C ALA B 505 -20.20 4.84 3.12
N THR B 506 -20.62 6.05 2.74
CA THR B 506 -21.91 6.22 2.07
C THR B 506 -21.84 5.73 0.62
N ILE B 507 -20.77 6.09 -0.09
CA ILE B 507 -20.71 5.77 -1.51
C ILE B 507 -20.39 4.30 -1.75
N THR B 508 -19.65 3.66 -0.84
CA THR B 508 -19.36 2.23 -0.97
C THR B 508 -20.60 1.39 -0.71
N LEU B 509 -21.50 1.87 0.15
CA LEU B 509 -22.77 1.19 0.36
C LEU B 509 -23.75 1.46 -0.77
N PHE B 510 -23.74 2.67 -1.34
CA PHE B 510 -24.79 3.04 -2.28
C PHE B 510 -24.48 2.76 -3.73
N LEU B 511 -23.22 2.47 -4.10
CA LEU B 511 -22.97 2.14 -5.50
C LEU B 511 -23.53 0.76 -5.93
N PRO B 512 -23.38 -0.34 -5.17
CA PRO B 512 -24.04 -1.58 -5.58
C PRO B 512 -25.53 -1.62 -5.32
N ILE B 513 -26.13 -0.57 -4.75
CA ILE B 513 -27.58 -0.47 -4.73
C ILE B 513 -28.09 0.15 -6.02
N LEU B 514 -27.40 1.19 -6.50
CA LEU B 514 -27.89 1.99 -7.62
C LEU B 514 -27.41 1.50 -8.98
N SER B 515 -26.35 0.68 -9.05
CA SER B 515 -25.95 0.15 -10.35
C SER B 515 -26.94 -0.89 -10.91
N PRO B 516 -27.36 -1.95 -10.18
CA PRO B 516 -28.32 -2.88 -10.80
C PRO B 516 -29.71 -2.28 -10.96
N LEU B 517 -30.08 -1.31 -10.13
CA LEU B 517 -31.31 -0.56 -10.34
C LEU B 517 -31.25 0.22 -11.65
N ALA B 518 -30.07 0.75 -12.00
CA ALA B 518 -29.91 1.46 -13.27
C ALA B 518 -29.97 0.51 -14.45
N GLU B 519 -29.36 -0.67 -14.34
CA GLU B 519 -29.44 -1.64 -15.43
C GLU B 519 -30.84 -2.24 -15.55
N ALA B 520 -31.60 -2.29 -14.47
CA ALA B 520 -32.91 -2.95 -14.50
C ALA B 520 -33.97 -2.09 -15.15
N ILE B 521 -34.04 -0.81 -14.81
CA ILE B 521 -35.06 0.09 -15.36
C ILE B 521 -34.68 0.62 -16.74
N HIS B 522 -33.56 0.17 -17.32
CA HIS B 522 -33.14 0.42 -18.71
C HIS B 522 -32.84 1.91 -18.94
N VAL B 523 -32.11 2.51 -18.02
CA VAL B 523 -31.52 3.82 -18.20
C VAL B 523 -30.01 3.66 -18.21
N ASN B 524 -29.32 4.76 -18.54
CA ASN B 524 -27.86 4.75 -18.56
C ASN B 524 -27.33 4.59 -17.14
N PRO B 525 -26.41 3.65 -16.89
CA PRO B 525 -25.82 3.53 -15.55
C PRO B 525 -24.92 4.68 -15.16
N LEU B 526 -24.56 5.59 -16.07
CA LEU B 526 -23.88 6.80 -15.67
C LEU B 526 -24.85 7.88 -15.23
N TYR B 527 -26.06 7.85 -15.78
CA TYR B 527 -27.08 8.87 -15.47
C TYR B 527 -27.48 8.83 -14.00
N ILE B 528 -27.49 7.64 -13.40
CA ILE B 528 -27.84 7.52 -11.99
C ILE B 528 -26.63 7.80 -11.10
N LEU B 529 -25.44 7.36 -11.52
CA LEU B 529 -24.29 7.34 -10.64
C LEU B 529 -23.46 8.61 -10.67
N ILE B 530 -23.65 9.48 -11.68
CA ILE B 530 -22.95 10.77 -11.69
C ILE B 530 -23.48 11.71 -10.60
N PRO B 531 -24.80 11.95 -10.41
CA PRO B 531 -25.19 12.89 -9.33
C PRO B 531 -25.03 12.32 -7.93
N SER B 532 -25.05 11.01 -7.76
CA SER B 532 -24.96 10.42 -6.43
C SER B 532 -23.55 10.52 -5.85
N THR B 533 -22.52 10.48 -6.69
CA THR B 533 -21.17 10.64 -6.19
C THR B 533 -20.80 12.09 -5.96
N LEU B 534 -21.53 13.03 -6.58
CA LEU B 534 -21.30 14.44 -6.32
C LEU B 534 -22.08 14.90 -5.10
N CYS B 535 -23.28 14.35 -4.89
CA CYS B 535 -24.07 14.72 -3.72
C CYS B 535 -23.56 14.09 -2.44
N THR B 536 -22.72 13.04 -2.54
CA THR B 536 -22.13 12.44 -1.35
C THR B 536 -21.03 13.33 -0.78
N SER B 537 -20.38 14.13 -1.62
CA SER B 537 -19.35 15.03 -1.14
C SER B 537 -19.92 16.26 -0.45
N PHE B 538 -21.22 16.55 -0.61
CA PHE B 538 -21.84 17.75 -0.07
C PHE B 538 -22.10 17.58 1.43
N ALA B 539 -21.02 17.60 2.20
CA ALA B 539 -21.07 17.48 3.65
C ALA B 539 -20.70 18.85 4.22
N PHE B 540 -21.72 19.68 4.46
CA PHE B 540 -21.52 21.07 4.85
C PHE B 540 -22.10 21.42 6.20
N LEU B 541 -22.98 20.58 6.74
CA LEU B 541 -23.52 20.73 8.09
C LEU B 541 -22.53 20.18 9.12
N LEU B 542 -23.03 19.89 10.33
CA LEU B 542 -22.38 19.58 11.61
C LEU B 542 -21.09 18.78 11.50
N PRO B 543 -20.04 19.13 12.31
CA PRO B 543 -18.66 18.67 12.06
C PRO B 543 -18.35 17.23 12.47
N VAL B 544 -19.22 16.30 12.09
CA VAL B 544 -18.97 14.87 12.25
C VAL B 544 -18.89 14.15 10.92
N ALA B 545 -19.06 14.87 9.80
CA ALA B 545 -19.15 14.26 8.48
C ALA B 545 -17.78 14.08 7.83
N ASN B 546 -17.06 15.16 7.63
CA ASN B 546 -15.72 15.06 7.07
C ASN B 546 -14.73 15.83 7.92
N PRO B 547 -13.46 15.43 7.92
CA PRO B 547 -12.42 16.15 8.70
C PRO B 547 -12.10 17.55 8.21
N PRO B 548 -12.34 17.95 6.93
CA PRO B 548 -12.22 19.39 6.59
C PRO B 548 -12.95 20.39 7.49
N ASN B 549 -14.20 20.14 7.91
CA ASN B 549 -14.85 21.09 8.79
C ASN B 549 -14.74 20.70 10.26
N ALA B 550 -14.10 19.58 10.57
CA ALA B 550 -13.71 19.27 11.93
C ALA B 550 -12.35 19.87 12.29
N ILE B 551 -11.53 20.17 11.29
CA ILE B 551 -10.28 20.89 11.55
C ILE B 551 -10.56 22.34 11.91
N VAL B 552 -11.45 22.99 11.14
CA VAL B 552 -11.80 24.38 11.41
C VAL B 552 -12.68 24.53 12.63
N PHE B 553 -13.24 23.44 13.15
CA PHE B 553 -14.06 23.46 14.34
C PHE B 553 -13.23 23.35 15.62
N SER B 554 -12.02 22.80 15.55
CA SER B 554 -11.18 22.65 16.73
C SER B 554 -10.67 23.97 17.27
N TYR B 555 -10.71 25.03 16.46
CA TYR B 555 -10.43 26.37 16.94
C TYR B 555 -11.63 26.90 17.73
N GLY B 556 -11.43 28.03 18.42
CA GLY B 556 -12.35 28.45 19.47
C GLY B 556 -13.70 28.96 19.00
N HIS B 557 -13.85 29.28 17.71
CA HIS B 557 -15.03 29.96 17.21
C HIS B 557 -16.07 28.90 16.80
N LEU B 558 -17.06 29.31 16.01
CA LEU B 558 -17.97 28.40 15.29
C LEU B 558 -18.84 27.51 16.16
N LYS B 559 -19.90 28.07 16.75
CA LYS B 559 -21.02 27.27 17.26
C LYS B 559 -21.59 26.34 16.19
N VAL B 560 -22.27 25.26 16.63
CA VAL B 560 -22.77 24.25 15.69
C VAL B 560 -23.93 24.79 14.86
N ILE B 561 -24.73 25.70 15.43
CA ILE B 561 -25.87 26.27 14.71
C ILE B 561 -25.39 27.18 13.58
N ASP B 562 -24.19 27.77 13.72
CA ASP B 562 -23.60 28.56 12.66
C ASP B 562 -23.22 27.69 11.47
N MET B 563 -22.61 26.53 11.73
CA MET B 563 -22.28 25.58 10.68
C MET B 563 -23.53 25.03 10.01
N VAL B 564 -24.59 24.80 10.78
CA VAL B 564 -25.82 24.23 10.21
C VAL B 564 -26.51 25.24 9.31
N LYS B 565 -26.71 26.46 9.82
CA LYS B 565 -27.36 27.53 9.05
C LYS B 565 -26.54 27.94 7.83
N ALA B 566 -25.20 27.88 7.92
CA ALA B 566 -24.39 28.21 6.77
C ALA B 566 -24.36 27.09 5.74
N GLY B 567 -24.24 25.84 6.18
CA GLY B 567 -24.14 24.73 5.25
C GLY B 567 -25.44 24.30 4.62
N LEU B 568 -26.57 24.73 5.17
CA LEU B 568 -27.85 24.39 4.56
C LEU B 568 -28.03 25.06 3.21
N GLY B 569 -27.68 26.33 3.09
CA GLY B 569 -27.79 27.02 1.82
C GLY B 569 -26.78 26.55 0.79
N VAL B 570 -25.58 26.17 1.26
CA VAL B 570 -24.57 25.64 0.35
C VAL B 570 -24.98 24.26 -0.17
N ASN B 571 -25.60 23.44 0.69
CA ASN B 571 -26.12 22.15 0.25
C ASN B 571 -27.26 22.32 -0.75
N ILE B 572 -28.13 23.31 -0.51
CA ILE B 572 -29.25 23.58 -1.41
C ILE B 572 -28.74 24.01 -2.79
N VAL B 573 -27.80 24.96 -2.83
CA VAL B 573 -27.31 25.43 -4.13
C VAL B 573 -26.45 24.36 -4.81
N GLY B 574 -25.79 23.48 -4.04
CA GLY B 574 -25.03 22.41 -4.67
C GLY B 574 -25.92 21.38 -5.34
N VAL B 575 -26.99 20.98 -4.65
CA VAL B 575 -27.96 20.04 -5.25
C VAL B 575 -28.65 20.68 -6.45
N ALA B 576 -28.95 21.98 -6.38
CA ALA B 576 -29.59 22.65 -7.51
C ALA B 576 -28.67 22.76 -8.71
N VAL B 577 -27.38 23.03 -8.50
CA VAL B 577 -26.45 23.14 -9.62
C VAL B 577 -26.16 21.78 -10.24
N VAL B 578 -26.11 20.72 -9.41
CA VAL B 578 -25.92 19.37 -9.96
C VAL B 578 -27.15 18.92 -10.76
N MET B 579 -28.35 19.28 -10.28
CA MET B 579 -29.57 18.95 -11.01
C MET B 579 -29.67 19.73 -12.32
N LEU B 580 -29.20 20.98 -12.33
CA LEU B 580 -29.14 21.75 -13.58
C LEU B 580 -28.14 21.14 -14.55
N GLY B 581 -26.99 20.71 -14.05
CA GLY B 581 -25.95 20.20 -14.92
C GLY B 581 -26.30 18.86 -15.54
N ILE B 582 -26.92 17.97 -14.76
CA ILE B 582 -27.27 16.64 -15.26
C ILE B 582 -28.38 16.68 -16.31
N CYS B 583 -29.07 17.81 -16.45
CA CYS B 583 -30.05 17.97 -17.51
C CYS B 583 -29.66 18.97 -18.58
N THR B 584 -28.56 19.71 -18.42
CA THR B 584 -28.19 20.72 -19.42
C THR B 584 -26.91 20.39 -20.18
N TRP B 585 -25.76 20.24 -19.52
CA TRP B 585 -24.50 20.13 -20.26
C TRP B 585 -23.82 18.76 -20.15
N ILE B 586 -24.19 17.92 -19.18
CA ILE B 586 -23.60 16.60 -19.07
C ILE B 586 -24.32 15.59 -19.97
N VAL B 587 -25.47 15.93 -20.51
CA VAL B 587 -26.23 15.04 -21.40
C VAL B 587 -25.52 14.78 -22.73
N PRO B 588 -25.05 15.76 -23.52
CA PRO B 588 -24.36 15.38 -24.76
C PRO B 588 -22.93 14.95 -24.55
N MET B 589 -22.36 15.21 -23.37
CA MET B 589 -20.97 14.86 -23.10
C MET B 589 -20.79 13.36 -22.93
N PHE B 590 -21.83 12.65 -22.49
CA PHE B 590 -21.77 11.22 -22.25
C PHE B 590 -22.89 10.44 -22.91
N ASP B 591 -23.83 11.11 -23.58
CA ASP B 591 -25.02 10.52 -24.21
C ASP B 591 -25.83 9.72 -23.19
N LEU B 592 -26.35 10.44 -22.21
CA LEU B 592 -27.00 9.82 -21.06
C LEU B 592 -28.42 9.37 -21.35
N TYR B 593 -29.06 9.84 -22.41
CA TYR B 593 -30.45 9.52 -22.68
C TYR B 593 -30.60 8.26 -23.53
N THR B 594 -29.50 7.58 -23.85
CA THR B 594 -29.52 6.32 -24.58
C THR B 594 -28.82 5.25 -23.76
N TYR B 595 -29.34 4.03 -23.83
CA TYR B 595 -28.72 2.92 -23.10
C TYR B 595 -27.41 2.52 -23.79
N PRO B 596 -26.32 2.37 -23.04
CA PRO B 596 -25.02 2.16 -23.69
C PRO B 596 -24.78 0.73 -24.16
N SER B 597 -23.58 0.48 -24.67
CA SER B 597 -23.20 -0.83 -25.16
C SER B 597 -22.28 -1.59 -24.22
N TRP B 598 -21.69 -0.91 -23.24
CA TRP B 598 -20.88 -1.55 -22.22
C TRP B 598 -21.69 -2.00 -21.02
N ALA B 599 -23.01 -1.93 -21.11
CA ALA B 599 -23.96 -2.33 -20.10
C ALA B 599 -24.72 -3.58 -20.55
N PRO B 600 -25.10 -4.48 -19.61
CA PRO B 600 -25.88 -5.68 -19.94
C PRO B 600 -27.27 -5.37 -20.50
NA NA C . 12.67 -12.23 9.03
NA NA D . 21.88 -10.22 -1.73
C1 CLR E . 14.69 -25.28 -22.54
C2 CLR E . 14.91 -26.62 -23.26
C3 CLR E . 13.62 -27.22 -23.73
C4 CLR E . 12.91 -26.23 -24.65
C5 CLR E . 12.71 -24.88 -23.99
C6 CLR E . 11.50 -24.32 -23.93
C7 CLR E . 11.22 -22.94 -23.41
C8 CLR E . 12.50 -22.13 -23.20
C9 CLR E . 13.56 -23.02 -22.52
C10 CLR E . 13.96 -24.23 -23.40
C11 CLR E . 14.78 -22.20 -22.06
C12 CLR E . 14.40 -20.95 -21.25
C13 CLR E . 13.45 -20.03 -22.02
C14 CLR E . 12.21 -20.90 -22.35
C15 CLR E . 11.19 -19.90 -22.84
C16 CLR E . 11.34 -18.75 -21.83
C17 CLR E . 12.76 -18.88 -21.22
C18 CLR E . 14.11 -19.46 -23.29
C19 CLR E . 14.84 -23.80 -24.58
C20 CLR E . 13.43 -17.50 -21.05
C21 CLR E . 14.70 -17.52 -20.20
C22 CLR E . 12.43 -16.50 -20.45
C23 CLR E . 12.95 -15.12 -20.17
C24 CLR E . 11.94 -14.24 -19.47
C25 CLR E . 12.44 -12.91 -18.94
C26 CLR E . 11.35 -12.16 -18.21
C27 CLR E . 13.65 -13.10 -18.04
O1 CLR E . 13.86 -28.44 -24.43
NA NA F . -8.53 17.25 -2.23
NA NA G . -19.59 12.83 5.72
C1 CLR H . -35.59 -2.38 -8.69
C2 CLR H . -36.79 -2.43 -9.62
C3 CLR H . -36.47 -3.15 -10.91
C4 CLR H . -35.99 -4.55 -10.60
C5 CLR H . -34.82 -4.55 -9.64
C6 CLR H . -33.69 -5.16 -9.94
C7 CLR H . -32.51 -5.32 -9.02
C8 CLR H . -32.85 -4.92 -7.58
C9 CLR H . -33.67 -3.61 -7.59
C10 CLR H . -35.02 -3.78 -8.34
C11 CLR H . -33.84 -3.06 -6.16
C12 CLR H . -32.53 -2.96 -5.38
C13 CLR H . -31.80 -4.30 -5.30
C14 CLR H . -31.58 -4.75 -6.77
C15 CLR H . -30.62 -5.91 -6.64
C16 CLR H . -29.61 -5.39 -5.60
C17 CLR H . -30.33 -4.30 -4.77
C18 CLR H . -32.63 -5.33 -4.51
C19 CLR H . -36.04 -4.56 -7.49
C20 CLR H . -30.04 -4.41 -3.26
C21 CLR H . -30.39 -3.16 -2.45
C22 CLR H . -28.57 -4.80 -3.01
C23 CLR H . -28.26 -5.29 -1.63
C24 CLR H . -26.82 -5.68 -1.44
C25 CLR H . -25.79 -4.57 -1.58
C26 CLR H . -26.02 -3.48 -0.52
C27 CLR H . -24.37 -5.09 -1.50
O1 CLR H . -37.65 -3.22 -11.73
#